data_7N1E
#
_entry.id   7N1E
#
_cell.length_a   52.799
_cell.length_b   68.150
_cell.length_c   148.598
_cell.angle_alpha   90.000
_cell.angle_beta   94.610
_cell.angle_gamma   90.000
#
_symmetry.space_group_name_H-M   'P 1 21 1'
#
loop_
_entity.id
_entity.type
_entity.pdbx_description
1 polymer 'MHC class I antigen, A-2 alpha chain'
2 polymer Beta-2-microglobulin
3 polymer 'Spike protein S2'
4 polymer 'pRLQ3 T cell receptor alpha chain'
5 polymer 'pRLQ3 T cell receptor beta chain'
6 water water
#
loop_
_entity_poly.entity_id
_entity_poly.type
_entity_poly.pdbx_seq_one_letter_code
_entity_poly.pdbx_strand_id
1 'polypeptide(L)'
;GSHSMRYFFTSVSRPGRGEPRFIAVGYVDDTQFVRFDSDAASQRMEPRAPWIEQEGPEYWDGETRKVKAHSQTHRVDLGT
LRGYYNQSEAGSHTVQRMYGCDVGSDWRFLRGYHQYAYDGKDYIALKEDLRSWTAADMAAQTTKHKWEAAHVAEQLRAYL
EGTCVEWLRRYLENGKETLQRTDAPKTHMTHHAVSDHEATLRCWALSFYPAEITLTWQRDGEDQTQDTELVETRPAGDGT
FQKWAAVVVPSGQEQRYTCHVQHEGLPKPLTLRWE
;
A
2 'polypeptide(L)'
;MIQRTPKIQVYSRHPAENGKSNFLNCYVSGFHPSDIEVDLLKNGERIEKVEHSDLSFSKDWSFYLLYYTEFTPTEKDEYA
CRVNHVTLSQPKIVKWDRDM
;
B
3 'polypeptide(L)' RLQSLQTYV C
4 'polypeptide(L)'
;QRVTQPEKLLSVFKGAPVELKCNYSYSGSPELFWYVQYSRQRLQLLLRHISRESIKGFTADLNKGETSFHLKKPFAQEED
SAMYYCALSGFNNAGNMLTFGGGTRLMVKPNIQNPDPAVYQLRDSKSSDKSVCLFTDFDSQTNVSQSKDSDVYITDKCVL
DMRSMDFKSNSAVAWSNKSDFACANAFNNSIIPEDTFFPSPESS
;
D
5 'polypeptide(L)'
;GVAQSPRYKIIEKRQSVAFWCNPISGHATLYWYQQILGQGPKLLIQFQNNGVVDDSQLPKDRFSAERLKGVDSTLKIQPA
KLEDSAVYLCASSLGGAGGADTQYFGPGTRLTVLEDLKNVFPPEVAVFEPSEAEISHTQKATLVCLATGFYPDHVELSWW
VNGKEVHSGVCTDPQPLKEQPALNDSRYALSSRLRVSATFWQNPRNHFRCQVQFYGLSENDEWTQDRAKPVTQIVSAEAW
GRAD
;
E
#
# COMPACT_ATOMS: atom_id res chain seq x y z
N GLY A 1 29.44 16.85 18.52
CA GLY A 1 28.16 16.87 19.21
C GLY A 1 27.14 15.96 18.54
N SER A 2 25.89 16.03 19.02
CA SER A 2 24.80 15.30 18.38
C SER A 2 24.34 16.03 17.11
N HIS A 3 23.76 15.27 16.20
CA HIS A 3 23.22 15.82 14.97
C HIS A 3 21.92 15.12 14.63
N SER A 4 21.14 15.76 13.77
CA SER A 4 19.76 15.36 13.58
C SER A 4 19.27 15.85 12.23
N MET A 5 18.24 15.17 11.74
CA MET A 5 17.55 15.55 10.53
C MET A 5 16.07 15.49 10.88
N ARG A 6 15.31 16.50 10.48
CA ARG A 6 13.87 16.48 10.71
C ARG A 6 13.16 16.99 9.47
N TYR A 7 12.03 16.37 9.18
CA TYR A 7 11.09 16.88 8.19
C TYR A 7 9.81 17.32 8.90
N PHE A 8 9.20 18.40 8.39
CA PHE A 8 7.96 18.94 8.96
C PHE A 8 6.95 19.10 7.82
N PHE A 9 5.80 18.49 7.99
CA PHE A 9 4.70 18.62 7.03
C PHE A 9 3.56 19.38 7.73
N THR A 10 3.01 20.39 7.06
CA THR A 10 1.80 21.06 7.48
C THR A 10 0.85 21.13 6.31
N SER A 11 -0.40 20.76 6.55
CA SER A 11 -1.44 20.93 5.55
C SER A 11 -2.68 21.55 6.18
N VAL A 12 -3.23 22.56 5.52
CA VAL A 12 -4.33 23.39 6.05
C VAL A 12 -5.49 23.34 5.05
N SER A 13 -6.61 22.78 5.46
CA SER A 13 -7.77 22.88 4.59
C SER A 13 -8.22 24.33 4.50
N ARG A 14 -8.93 24.64 3.42
CA ARG A 14 -9.58 25.93 3.24
C ARG A 14 -10.83 25.66 2.41
N PRO A 15 -11.89 25.16 3.04
CA PRO A 15 -13.06 24.73 2.26
C PRO A 15 -13.69 25.92 1.56
N GLY A 16 -14.20 25.66 0.35
CA GLY A 16 -14.72 26.71 -0.51
C GLY A 16 -13.68 27.58 -1.19
N ARG A 17 -12.39 27.31 -1.00
CA ARG A 17 -11.33 28.16 -1.53
C ARG A 17 -10.15 27.33 -2.01
N GLY A 18 -10.41 26.15 -2.56
CA GLY A 18 -9.39 25.35 -3.22
C GLY A 18 -8.90 24.17 -2.39
N GLU A 19 -7.90 23.49 -2.92
CA GLU A 19 -7.29 22.38 -2.21
C GLU A 19 -6.59 22.88 -0.95
N PRO A 20 -6.36 21.99 0.02
CA PRO A 20 -5.55 22.37 1.19
C PRO A 20 -4.16 22.84 0.81
N ARG A 21 -3.58 23.69 1.66
CA ARG A 21 -2.22 24.16 1.45
C ARG A 21 -1.25 23.24 2.18
N PHE A 22 -0.23 22.74 1.46
CA PHE A 22 0.75 21.82 2.01
C PHE A 22 2.13 22.44 1.96
N ILE A 23 2.80 22.49 3.10
CA ILE A 23 4.19 22.96 3.15
C ILE A 23 5.05 21.91 3.84
N ALA A 24 6.20 21.63 3.25
CA ALA A 24 7.19 20.71 3.79
C ALA A 24 8.53 21.41 3.88
N VAL A 25 9.21 21.25 5.02
CA VAL A 25 10.60 21.65 5.14
C VAL A 25 11.44 20.53 5.75
N GLY A 26 12.72 20.53 5.40
CA GLY A 26 13.68 19.63 6.01
C GLY A 26 14.78 20.43 6.68
N TYR A 27 15.21 19.96 7.85
CA TYR A 27 16.29 20.55 8.60
C TYR A 27 17.40 19.53 8.82
N VAL A 28 18.62 20.03 8.90
CA VAL A 28 19.71 19.33 9.57
C VAL A 28 20.12 20.20 10.74
N ASP A 29 20.05 19.65 11.94
CA ASP A 29 20.34 20.40 13.15
C ASP A 29 19.44 21.64 13.16
N ASP A 30 20.01 22.83 13.23
CA ASP A 30 19.23 24.07 13.24
C ASP A 30 19.37 24.82 11.91
N THR A 31 19.34 24.10 10.80
CA THR A 31 19.61 24.66 9.48
C THR A 31 18.64 24.04 8.50
N GLN A 32 17.83 24.87 7.86
CA GLN A 32 16.91 24.40 6.84
C GLN A 32 17.66 24.16 5.55
N PHE A 33 17.31 23.08 4.84
CA PHE A 33 18.00 22.79 3.58
C PHE A 33 17.08 22.59 2.40
N VAL A 34 15.81 22.20 2.59
CA VAL A 34 14.83 22.12 1.51
C VAL A 34 13.48 22.68 1.98
N ARG A 35 12.64 22.97 1.00
CA ARG A 35 11.27 23.40 1.28
C ARG A 35 10.37 23.01 0.12
N PHE A 36 9.08 22.89 0.41
CA PHE A 36 8.08 22.70 -0.65
C PHE A 36 6.78 23.34 -0.22
N ASP A 37 6.14 24.06 -1.15
CA ASP A 37 4.91 24.81 -0.88
C ASP A 37 3.96 24.52 -2.02
N SER A 38 2.85 23.83 -1.73
CA SER A 38 1.99 23.42 -2.84
C SER A 38 1.31 24.59 -3.52
N ASP A 39 1.43 25.82 -3.00
CA ASP A 39 0.90 27.01 -3.65
C ASP A 39 1.94 27.76 -4.47
N ALA A 40 3.23 27.56 -4.20
CA ALA A 40 4.29 28.23 -4.96
C ALA A 40 4.27 27.79 -6.43
N ALA A 41 4.89 28.62 -7.26
CA ALA A 41 4.78 28.48 -8.71
C ALA A 41 5.57 27.30 -9.26
N SER A 42 6.72 26.99 -8.67
CA SER A 42 7.62 26.01 -9.29
C SER A 42 7.11 24.58 -9.19
N GLN A 43 6.24 24.29 -8.21
CA GLN A 43 5.80 22.91 -7.97
C GLN A 43 7.00 21.99 -7.85
N ARG A 44 8.04 22.46 -7.17
CA ARG A 44 9.26 21.68 -7.03
C ARG A 44 9.80 21.80 -5.62
N MET A 45 10.48 20.72 -5.19
CA MET A 45 11.32 20.80 -4.01
C MET A 45 12.48 21.75 -4.29
N GLU A 46 12.79 22.62 -3.33
CA GLU A 46 13.73 23.70 -3.59
C GLU A 46 14.81 23.73 -2.52
N PRO A 47 16.04 24.08 -2.88
CA PRO A 47 17.12 24.10 -1.89
C PRO A 47 17.09 25.39 -1.07
N ARG A 48 17.38 25.26 0.22
CA ARG A 48 17.44 26.39 1.12
C ARG A 48 18.80 26.57 1.78
N ALA A 49 19.80 25.81 1.34
CA ALA A 49 21.17 25.87 1.85
C ALA A 49 22.14 25.52 0.73
N PRO A 50 23.39 26.01 0.78
CA PRO A 50 24.28 25.82 -0.38
C PRO A 50 24.72 24.38 -0.65
N TRP A 51 24.97 23.56 0.39
CA TRP A 51 25.54 22.23 0.18
C TRP A 51 24.55 21.25 -0.47
N ILE A 52 23.24 21.47 -0.37
CA ILE A 52 22.33 20.50 -0.92
C ILE A 52 22.28 20.63 -2.44
N GLU A 53 22.70 21.79 -2.97
CA GLU A 53 22.57 21.99 -4.40
C GLU A 53 23.62 21.24 -5.22
N GLN A 54 24.58 20.58 -4.58
CA GLN A 54 25.49 19.74 -5.32
C GLN A 54 25.03 18.29 -5.40
N GLU A 55 23.74 18.03 -5.14
CA GLU A 55 23.23 16.67 -5.24
C GLU A 55 23.09 16.26 -6.69
N GLY A 56 22.61 17.15 -7.54
CA GLY A 56 22.40 16.84 -8.93
C GLY A 56 20.92 16.78 -9.25
N PRO A 57 20.55 16.82 -10.54
CA PRO A 57 19.13 16.95 -10.88
C PRO A 57 18.30 15.76 -10.47
N GLU A 58 18.89 14.57 -10.35
CA GLU A 58 18.09 13.39 -10.06
C GLU A 58 17.57 13.41 -8.62
N TYR A 59 18.36 13.96 -7.70
CA TYR A 59 17.85 14.15 -6.33
C TYR A 59 16.59 14.98 -6.34
N TRP A 60 16.58 16.07 -7.11
CA TRP A 60 15.45 16.99 -7.06
C TRP A 60 14.22 16.41 -7.76
N ASP A 61 14.42 15.68 -8.87
CA ASP A 61 13.29 14.97 -9.44
C ASP A 61 12.73 13.98 -8.42
N GLY A 62 13.61 13.15 -7.86
CA GLY A 62 13.26 12.26 -6.76
C GLY A 62 12.47 12.92 -5.63
N GLU A 63 13.03 13.94 -4.98
CA GLU A 63 12.38 14.52 -3.81
C GLU A 63 11.08 15.24 -4.18
N THR A 64 10.99 15.80 -5.39
CA THR A 64 9.79 16.51 -5.79
C THR A 64 8.62 15.54 -5.96
N ARG A 65 8.86 14.43 -6.62
CA ARG A 65 7.82 13.40 -6.85
C ARG A 65 7.33 12.85 -5.52
N LYS A 66 8.23 12.64 -4.57
CA LYS A 66 7.81 12.11 -3.28
C LYS A 66 7.04 13.15 -2.46
N VAL A 67 7.52 14.40 -2.45
CA VAL A 67 6.88 15.42 -1.64
C VAL A 67 5.49 15.73 -2.19
N LYS A 68 5.35 15.75 -3.52
CA LYS A 68 4.02 15.80 -4.14
C LYS A 68 3.16 14.61 -3.74
N ALA A 69 3.76 13.42 -3.62
CA ALA A 69 2.96 12.25 -3.28
C ALA A 69 2.42 12.38 -1.87
N HIS A 70 3.26 12.83 -0.92
CA HIS A 70 2.82 12.98 0.46
C HIS A 70 1.92 14.19 0.64
N SER A 71 1.95 15.15 -0.29
CA SER A 71 1.03 16.26 -0.23
C SER A 71 -0.39 15.76 -0.50
N GLN A 72 -0.53 14.75 -1.34
CA GLN A 72 -1.85 14.17 -1.57
C GLN A 72 -2.38 13.41 -0.36
N THR A 73 -1.51 12.79 0.44
CA THR A 73 -2.03 11.92 1.48
C THR A 73 -2.49 12.71 2.69
N HIS A 74 -1.81 13.81 2.97
CA HIS A 74 -2.33 14.73 3.98
C HIS A 74 -3.58 15.44 3.46
N ARG A 75 -3.73 15.59 2.14
CA ARG A 75 -5.00 16.09 1.62
C ARG A 75 -6.13 15.13 1.97
N VAL A 76 -5.96 13.85 1.62
CA VAL A 76 -6.94 12.83 1.99
C VAL A 76 -7.16 12.81 3.50
N ASP A 77 -6.06 12.86 4.28
CA ASP A 77 -6.15 12.76 5.73
C ASP A 77 -7.11 13.80 6.32
N LEU A 78 -7.07 15.03 5.77
CA LEU A 78 -7.98 16.06 6.28
C LEU A 78 -9.42 15.63 6.09
N GLY A 79 -9.71 15.02 4.94
CA GLY A 79 -11.05 14.47 4.73
C GLY A 79 -11.38 13.40 5.75
N THR A 80 -10.49 12.42 5.88
CA THR A 80 -10.70 11.31 6.80
C THR A 80 -10.87 11.80 8.22
N LEU A 81 -9.98 12.69 8.67
CA LEU A 81 -10.02 13.17 10.05
C LEU A 81 -11.30 13.92 10.36
N ARG A 82 -11.86 14.62 9.39
CA ARG A 82 -13.13 15.29 9.61
C ARG A 82 -14.24 14.28 9.81
N GLY A 83 -14.16 13.13 9.12
CA GLY A 83 -15.12 12.08 9.35
C GLY A 83 -14.99 11.44 10.73
N TYR A 84 -13.75 11.19 11.16
CA TYR A 84 -13.53 10.54 12.46
C TYR A 84 -14.10 11.37 13.60
N TYR A 85 -14.07 12.69 13.49
CA TYR A 85 -14.57 13.57 14.53
C TYR A 85 -15.94 14.14 14.19
N ASN A 86 -16.54 13.70 13.08
CA ASN A 86 -17.84 14.18 12.61
C ASN A 86 -17.95 15.69 12.70
N GLN A 87 -16.93 16.38 12.20
CA GLN A 87 -16.92 17.82 12.04
C GLN A 87 -17.51 18.20 10.67
N SER A 88 -17.95 19.45 10.55
CA SER A 88 -18.58 19.87 9.31
C SER A 88 -17.56 20.17 8.21
N GLU A 89 -18.02 20.10 6.96
CA GLU A 89 -17.23 20.41 5.79
C GLU A 89 -16.87 21.89 5.67
N ALA A 90 -17.34 22.74 6.57
CA ALA A 90 -17.15 24.18 6.44
C ALA A 90 -15.85 24.68 7.06
N GLY A 91 -15.43 24.09 8.17
CA GLY A 91 -14.32 24.66 8.93
C GLY A 91 -12.95 24.28 8.40
N SER A 92 -12.01 25.19 8.59
CA SER A 92 -10.63 24.96 8.20
C SER A 92 -9.88 24.19 9.28
N HIS A 93 -9.15 23.16 8.87
CA HIS A 93 -8.45 22.28 9.79
C HIS A 93 -7.01 22.06 9.32
N THR A 94 -6.16 21.69 10.26
CA THR A 94 -4.75 21.50 9.95
C THR A 94 -4.26 20.12 10.38
N VAL A 95 -3.25 19.65 9.68
CA VAL A 95 -2.63 18.36 9.90
C VAL A 95 -1.13 18.58 9.92
N GLN A 96 -0.45 18.04 10.93
CA GLN A 96 1.00 18.11 10.98
C GLN A 96 1.62 16.75 11.16
N ARG A 97 2.79 16.59 10.56
CA ARG A 97 3.62 15.40 10.73
C ARG A 97 5.06 15.83 10.88
N MET A 98 5.73 15.25 11.86
CA MET A 98 7.16 15.44 12.03
C MET A 98 7.83 14.06 12.14
N TYR A 99 9.01 13.93 11.55
CA TYR A 99 9.84 12.74 11.78
C TYR A 99 11.30 13.07 11.52
N GLY A 100 12.17 12.28 12.13
CA GLY A 100 13.59 12.45 11.90
C GLY A 100 14.40 11.45 12.68
N CYS A 101 15.71 11.56 12.51
CA CYS A 101 16.63 10.64 13.16
C CYS A 101 17.73 11.46 13.82
N ASP A 102 18.17 10.98 14.99
CA ASP A 102 19.27 11.57 15.74
C ASP A 102 20.51 10.70 15.60
N VAL A 103 21.67 11.34 15.67
CA VAL A 103 22.95 10.67 15.51
C VAL A 103 23.90 11.19 16.56
N GLY A 104 24.77 10.32 17.07
CA GLY A 104 25.65 10.67 18.16
C GLY A 104 26.92 11.34 17.68
N SER A 105 27.86 11.50 18.61
CA SER A 105 29.12 12.14 18.28
C SER A 105 30.04 11.22 17.50
N ASP A 106 29.76 9.91 17.48
CA ASP A 106 30.44 8.95 16.63
C ASP A 106 29.66 8.64 15.35
N TRP A 107 28.56 9.37 15.13
CA TRP A 107 27.76 9.33 13.90
C TRP A 107 27.01 8.02 13.74
N ARG A 108 26.69 7.35 14.84
CA ARG A 108 25.81 6.20 14.79
C ARG A 108 24.40 6.58 15.25
N PHE A 109 23.41 5.82 14.76
CA PHE A 109 22.02 5.97 15.15
C PHE A 109 21.88 6.13 16.66
N LEU A 110 21.21 7.20 17.07
CA LEU A 110 20.88 7.39 18.48
C LEU A 110 19.41 7.11 18.76
N ARG A 111 18.49 7.83 18.10
CA ARG A 111 17.07 7.62 18.29
C ARG A 111 16.33 8.07 17.04
N GLY A 112 15.05 7.69 16.96
CA GLY A 112 14.21 8.10 15.85
C GLY A 112 12.82 8.45 16.32
N TYR A 113 12.11 9.20 15.49
CA TYR A 113 10.79 9.66 15.91
C TYR A 113 9.94 10.00 14.70
N HIS A 114 8.64 9.86 14.87
CA HIS A 114 7.70 10.04 13.78
C HIS A 114 6.34 10.22 14.43
N GLN A 115 5.79 11.43 14.34
CA GLN A 115 4.56 11.75 15.05
C GLN A 115 3.62 12.57 14.18
N TYR A 116 2.35 12.50 14.52
CA TYR A 116 1.30 13.11 13.74
C TYR A 116 0.46 13.98 14.68
N ALA A 117 -0.08 15.08 14.16
CA ALA A 117 -0.89 15.98 14.97
C ALA A 117 -2.06 16.52 14.16
N TYR A 118 -3.21 16.69 14.82
CA TYR A 118 -4.42 17.19 14.19
C TYR A 118 -4.95 18.38 14.99
N ASP A 119 -5.23 19.47 14.28
CA ASP A 119 -5.57 20.77 14.85
C ASP A 119 -4.73 21.09 16.09
N GLY A 120 -3.40 21.00 15.93
CA GLY A 120 -2.47 21.32 17.00
C GLY A 120 -2.48 20.42 18.20
N LYS A 121 -3.16 19.27 18.15
CA LYS A 121 -3.18 18.31 19.24
C LYS A 121 -2.49 17.01 18.84
N ASP A 122 -1.76 16.41 19.80
CA ASP A 122 -1.14 15.10 19.56
C ASP A 122 -2.18 14.08 19.13
N TYR A 123 -1.96 13.44 17.98
CA TYR A 123 -2.90 12.46 17.44
C TYR A 123 -2.32 11.04 17.52
N ILE A 124 -1.15 10.79 16.93
CA ILE A 124 -0.48 9.49 17.09
C ILE A 124 1.02 9.71 16.94
N ALA A 125 1.80 8.95 17.72
CA ALA A 125 3.26 9.02 17.69
C ALA A 125 3.87 7.62 17.73
N LEU A 126 4.98 7.46 17.01
CA LEU A 126 5.80 6.26 17.10
C LEU A 126 6.57 6.26 18.41
N LYS A 127 6.39 5.22 19.22
CA LYS A 127 7.14 5.12 20.46
C LYS A 127 8.63 4.96 20.19
N GLU A 128 9.42 5.03 21.26
CA GLU A 128 10.87 5.09 21.11
C GLU A 128 11.46 3.79 20.59
N ASP A 129 10.82 2.65 20.87
CA ASP A 129 11.32 1.40 20.32
C ASP A 129 11.07 1.29 18.82
N LEU A 130 10.33 2.24 18.23
CA LEU A 130 10.00 2.24 16.81
C LEU A 130 9.25 0.97 16.41
N ARG A 131 8.45 0.44 17.33
CA ARG A 131 7.74 -0.80 17.08
C ARG A 131 6.28 -0.76 17.49
N SER A 132 5.82 0.30 18.16
CA SER A 132 4.44 0.41 18.62
C SER A 132 4.04 1.88 18.71
N TRP A 133 2.74 2.11 18.76
CA TRP A 133 2.16 3.44 18.60
C TRP A 133 1.56 3.95 19.89
N THR A 134 1.74 5.25 20.13
CA THR A 134 0.99 6.00 21.15
C THR A 134 -0.16 6.71 20.45
N ALA A 135 -1.37 6.25 20.69
CA ALA A 135 -2.55 6.90 20.11
C ALA A 135 -3.27 7.58 21.24
N ALA A 136 -3.76 8.79 21.04
CA ALA A 136 -4.42 9.52 22.14
C ALA A 136 -5.89 9.12 22.29
N ASP A 137 -6.74 9.55 21.38
CA ASP A 137 -8.20 9.39 21.54
C ASP A 137 -8.69 8.15 20.83
N MET A 138 -10.00 8.07 20.63
CA MET A 138 -10.62 6.93 19.99
C MET A 138 -10.51 6.98 18.47
N ALA A 139 -10.56 8.18 17.88
CA ALA A 139 -10.29 8.29 16.45
C ALA A 139 -8.86 7.83 16.13
N ALA A 140 -7.91 8.15 17.00
CA ALA A 140 -6.54 7.71 16.79
C ALA A 140 -6.41 6.19 16.90
N GLN A 141 -7.26 5.55 17.73
CA GLN A 141 -7.21 4.10 17.83
C GLN A 141 -7.44 3.45 16.49
N THR A 142 -8.40 3.97 15.72
CA THR A 142 -8.61 3.51 14.35
C THR A 142 -7.33 3.63 13.53
N THR A 143 -6.74 4.82 13.51
CA THR A 143 -5.48 5.00 12.79
C THR A 143 -4.43 4.02 13.31
N LYS A 144 -4.37 3.83 14.62
CA LYS A 144 -3.44 2.86 15.19
C LYS A 144 -3.73 1.47 14.65
N HIS A 145 -5.01 1.07 14.62
CA HIS A 145 -5.36 -0.24 14.09
C HIS A 145 -5.00 -0.36 12.61
N LYS A 146 -5.26 0.70 11.83
CA LYS A 146 -4.87 0.67 10.43
C LYS A 146 -3.36 0.54 10.27
N TRP A 147 -2.60 1.25 11.09
CA TRP A 147 -1.16 1.23 10.88
C TRP A 147 -0.55 -0.06 11.39
N GLU A 148 -1.16 -0.63 12.43
CA GLU A 148 -0.68 -1.91 12.95
C GLU A 148 -0.87 -3.02 11.92
N ALA A 149 -2.05 -3.10 11.31
CA ALA A 149 -2.31 -4.10 10.28
C ALA A 149 -1.42 -3.89 9.06
N ALA A 150 -1.06 -2.64 8.77
CA ALA A 150 -0.25 -2.31 7.61
C ALA A 150 1.25 -2.49 7.82
N HIS A 151 1.69 -2.82 9.04
CA HIS A 151 3.11 -2.89 9.40
C HIS A 151 3.84 -1.59 9.09
N VAL A 152 3.17 -0.46 9.36
CA VAL A 152 3.77 0.84 9.06
C VAL A 152 5.02 1.06 9.88
N ALA A 153 5.00 0.65 11.16
CA ALA A 153 6.13 0.90 12.03
C ALA A 153 7.37 0.15 11.54
N GLU A 154 7.21 -1.13 11.15
CA GLU A 154 8.34 -1.88 10.61
C GLU A 154 8.96 -1.13 9.43
N GLN A 155 8.10 -0.61 8.55
CA GLN A 155 8.60 0.17 7.42
C GLN A 155 9.27 1.46 7.89
N LEU A 156 8.67 2.14 8.86
CA LEU A 156 9.27 3.38 9.38
C LEU A 156 10.57 3.08 10.13
N ARG A 157 10.64 1.98 10.88
CA ARG A 157 11.88 1.66 11.57
C ARG A 157 13.02 1.42 10.58
N ALA A 158 12.71 0.86 9.42
CA ALA A 158 13.77 0.62 8.45
C ALA A 158 14.29 1.93 7.86
N TYR A 159 13.39 2.89 7.61
CA TYR A 159 13.83 4.20 7.13
C TYR A 159 14.66 4.92 8.17
N LEU A 160 14.19 4.93 9.42
CA LEU A 160 14.84 5.77 10.42
C LEU A 160 16.21 5.23 10.79
N GLU A 161 16.38 3.92 10.78
CA GLU A 161 17.65 3.32 11.14
C GLU A 161 18.57 3.13 9.93
N GLY A 162 18.06 3.28 8.72
CA GLY A 162 18.85 3.11 7.51
C GLY A 162 18.95 4.37 6.65
N THR A 163 17.96 4.59 5.77
CA THR A 163 18.02 5.71 4.83
C THR A 163 18.33 7.03 5.54
N CYS A 164 17.62 7.28 6.63
CA CYS A 164 17.68 8.56 7.33
C CYS A 164 19.09 8.88 7.80
N VAL A 165 19.63 8.06 8.70
CA VAL A 165 20.96 8.36 9.25
C VAL A 165 22.01 8.37 8.15
N GLU A 166 21.88 7.48 7.16
CA GLU A 166 22.87 7.47 6.09
C GLU A 166 22.87 8.79 5.34
N TRP A 167 21.68 9.32 5.07
CA TRP A 167 21.65 10.60 4.36
C TRP A 167 22.01 11.75 5.28
N LEU A 168 21.73 11.63 6.58
CA LEU A 168 22.20 12.63 7.54
C LEU A 168 23.71 12.74 7.48
N ARG A 169 24.39 11.59 7.56
CA ARG A 169 25.84 11.60 7.45
C ARG A 169 26.27 12.17 6.10
N ARG A 170 25.55 11.83 5.04
CA ARG A 170 25.93 12.43 3.76
C ARG A 170 25.85 13.95 3.83
N TYR A 171 24.70 14.48 4.26
CA TYR A 171 24.55 15.92 4.41
C TYR A 171 25.63 16.50 5.31
N LEU A 172 25.88 15.84 6.45
CA LEU A 172 26.88 16.30 7.41
C LEU A 172 28.26 16.42 6.79
N GLU A 173 28.58 15.58 5.81
CA GLU A 173 29.89 15.64 5.17
C GLU A 173 29.90 16.64 4.02
N ASN A 174 28.81 16.74 3.26
CA ASN A 174 28.79 17.71 2.17
C ASN A 174 28.62 19.13 2.70
N GLY A 175 27.94 19.31 3.83
CA GLY A 175 27.75 20.62 4.41
C GLY A 175 28.77 20.94 5.50
N LYS A 176 29.89 20.20 5.53
CA LYS A 176 30.90 20.26 6.59
C LYS A 176 31.21 21.67 7.10
N GLU A 177 31.39 22.63 6.18
CA GLU A 177 31.83 23.95 6.62
C GLU A 177 30.71 24.72 7.30
N THR A 178 29.45 24.43 6.98
CA THR A 178 28.35 25.08 7.69
C THR A 178 27.81 24.24 8.85
N LEU A 179 27.65 22.92 8.67
CA LEU A 179 26.95 22.11 9.66
C LEU A 179 27.84 21.63 10.81
N GLN A 180 29.16 21.65 10.66
CA GLN A 180 30.05 21.14 11.71
C GLN A 180 30.84 22.24 12.37
N ARG A 181 30.44 23.50 12.21
CA ARG A 181 31.14 24.62 12.81
C ARG A 181 30.60 24.89 14.20
N THR A 182 31.36 25.69 14.94
CA THR A 182 30.92 26.24 16.22
C THR A 182 31.29 27.72 16.23
N ASP A 183 30.30 28.60 16.20
CA ASP A 183 30.54 30.04 16.38
C ASP A 183 30.29 30.36 17.84
N ALA A 184 31.36 30.74 18.55
CA ALA A 184 31.23 31.20 19.92
C ALA A 184 30.37 32.46 19.96
N PRO A 185 29.52 32.61 20.98
CA PRO A 185 28.69 33.83 21.08
C PRO A 185 29.53 35.06 21.38
N LYS A 186 29.42 36.09 20.53
CA LYS A 186 29.82 37.44 20.93
C LYS A 186 28.90 37.93 22.05
N THR A 187 29.49 38.39 23.16
CA THR A 187 28.73 38.78 24.35
C THR A 187 29.04 40.21 24.75
N HIS A 188 28.02 40.93 25.20
CA HIS A 188 28.20 42.20 25.89
C HIS A 188 27.05 42.38 26.87
N MET A 189 27.14 43.44 27.67
CA MET A 189 26.17 43.70 28.72
C MET A 189 25.76 45.18 28.70
N THR A 190 24.47 45.43 28.84
CA THR A 190 23.95 46.78 28.85
C THR A 190 23.25 47.06 30.18
N HIS A 191 23.14 48.35 30.49
CA HIS A 191 22.68 48.82 31.79
C HIS A 191 21.75 49.99 31.58
N HIS A 192 20.49 49.85 32.02
CA HIS A 192 19.47 50.89 31.87
C HIS A 192 18.90 51.22 33.24
N ALA A 193 18.93 52.48 33.60
CA ALA A 193 18.28 52.89 34.87
C ALA A 193 16.76 52.78 34.72
N VAL A 194 16.07 52.22 35.69
CA VAL A 194 14.60 52.10 35.62
C VAL A 194 14.01 53.18 36.50
N SER A 195 14.25 53.14 37.80
CA SER A 195 13.77 54.17 38.75
C SER A 195 14.97 55.00 39.18
N ASP A 196 14.93 55.56 40.37
CA ASP A 196 16.16 56.19 40.90
C ASP A 196 16.82 55.19 41.86
N HIS A 197 16.29 53.97 41.96
CA HIS A 197 16.80 52.99 42.94
C HIS A 197 16.75 51.57 42.40
N GLU A 198 16.47 51.39 41.11
CA GLU A 198 16.43 50.09 40.45
C GLU A 198 17.05 50.24 39.06
N ALA A 199 17.60 49.14 38.55
CA ALA A 199 18.27 49.18 37.25
C ALA A 199 18.25 47.80 36.58
N THR A 200 18.04 47.80 35.27
CA THR A 200 18.01 46.57 34.48
C THR A 200 19.40 46.28 33.91
N LEU A 201 19.89 45.07 34.15
CA LEU A 201 21.11 44.57 33.51
C LEU A 201 20.73 43.54 32.47
N ARG A 202 21.16 43.75 31.23
CA ARG A 202 20.90 42.81 30.15
C ARG A 202 22.20 42.18 29.68
N CYS A 203 22.24 40.86 29.70
CA CYS A 203 23.37 40.07 29.22
C CYS A 203 23.05 39.58 27.82
N TRP A 204 23.95 39.82 26.86
CA TRP A 204 23.68 39.54 25.46
C TRP A 204 24.57 38.42 24.91
N ALA A 205 23.97 37.52 24.13
CA ALA A 205 24.72 36.52 23.37
C ALA A 205 24.30 36.61 21.90
N LEU A 206 25.25 36.99 21.04
CA LEU A 206 24.97 37.19 19.63
C LEU A 206 25.81 36.22 18.78
N SER A 207 25.31 35.92 17.60
CA SER A 207 26.14 35.39 16.53
C SER A 207 26.73 34.02 16.88
N PHE A 208 25.95 33.23 17.62
CA PHE A 208 26.35 31.90 18.05
C PHE A 208 25.56 30.84 17.29
N TYR A 209 26.19 29.66 17.16
CA TYR A 209 25.66 28.48 16.50
C TYR A 209 26.40 27.28 17.07
N PRO A 210 25.71 26.15 17.33
CA PRO A 210 24.28 25.93 17.19
C PRO A 210 23.42 26.73 18.19
N ALA A 211 22.11 26.50 18.14
CA ALA A 211 21.15 27.30 18.88
C ALA A 211 21.12 27.01 20.37
N GLU A 212 21.76 25.94 20.84
CA GLU A 212 21.69 25.65 22.27
C GLU A 212 22.62 26.57 23.04
N ILE A 213 22.08 27.22 24.06
CA ILE A 213 22.87 28.17 24.86
C ILE A 213 22.22 28.31 26.24
N THR A 214 23.05 28.62 27.23
CA THR A 214 22.58 28.81 28.61
C THR A 214 23.07 30.15 29.12
N LEU A 215 22.14 31.04 29.44
CA LEU A 215 22.42 32.33 30.08
C LEU A 215 21.79 32.31 31.47
N THR A 216 22.63 32.46 32.49
CA THR A 216 22.20 32.39 33.88
C THR A 216 22.74 33.60 34.62
N TRP A 217 21.95 34.13 35.55
CA TRP A 217 22.36 35.24 36.41
C TRP A 217 22.63 34.72 37.82
N GLN A 218 23.66 35.26 38.45
CA GLN A 218 23.99 34.95 39.84
C GLN A 218 24.15 36.25 40.63
N ARG A 219 23.76 36.21 41.91
CA ARG A 219 24.02 37.29 42.84
C ARG A 219 24.99 36.81 43.90
N ASP A 220 26.17 37.45 43.98
CA ASP A 220 27.27 37.01 44.83
C ASP A 220 27.59 35.52 44.60
N GLY A 221 27.51 35.08 43.35
CA GLY A 221 27.87 33.71 42.99
C GLY A 221 26.78 32.66 43.19
N GLU A 222 25.59 33.04 43.65
CA GLU A 222 24.49 32.10 43.81
C GLU A 222 23.42 32.35 42.76
N ASP A 223 22.97 31.29 42.10
CA ASP A 223 22.03 31.40 41.00
C ASP A 223 20.78 32.13 41.44
N GLN A 224 20.20 32.91 40.52
CA GLN A 224 19.13 33.85 40.90
C GLN A 224 18.11 33.92 39.75
N THR A 225 17.15 33.01 39.77
CA THR A 225 16.04 33.03 38.82
C THR A 225 14.82 33.69 39.41
N GLN A 226 14.99 34.81 40.11
CA GLN A 226 13.89 35.45 40.82
C GLN A 226 13.36 36.63 40.01
N ASP A 227 14.08 37.75 40.02
CA ASP A 227 13.67 38.95 39.31
C ASP A 227 14.23 39.01 37.89
N THR A 228 14.27 37.87 37.18
CA THR A 228 14.92 37.74 35.88
C THR A 228 13.92 37.80 34.74
N GLU A 229 14.46 37.77 33.52
CA GLU A 229 13.68 37.73 32.29
C GLU A 229 14.57 37.14 31.21
N LEU A 230 14.11 36.07 30.55
CA LEU A 230 14.93 35.29 29.63
C LEU A 230 14.14 35.03 28.35
N VAL A 231 14.54 35.66 27.24
CA VAL A 231 13.77 35.57 26.01
C VAL A 231 14.12 34.28 25.26
N GLU A 232 13.18 33.85 24.42
CA GLU A 232 13.40 32.68 23.57
C GLU A 232 14.57 32.95 22.62
N THR A 233 15.40 31.94 22.41
CA THR A 233 16.47 32.05 21.42
C THR A 233 15.85 32.30 20.05
N ARG A 234 16.39 33.29 19.34
CA ARG A 234 15.80 33.71 18.08
C ARG A 234 16.82 33.63 16.95
N PRO A 235 16.37 33.43 15.70
CA PRO A 235 17.33 33.40 14.59
C PRO A 235 17.76 34.80 14.21
N ALA A 236 19.04 34.94 13.87
CA ALA A 236 19.55 36.21 13.37
C ALA A 236 19.18 36.44 11.91
N GLY A 237 18.83 35.37 11.19
CA GLY A 237 18.45 35.50 9.81
C GLY A 237 19.59 35.42 8.84
N ASP A 238 20.80 35.16 9.32
CA ASP A 238 21.95 34.79 8.50
C ASP A 238 22.54 33.44 8.93
N GLY A 239 21.72 32.58 9.53
CA GLY A 239 22.17 31.30 10.03
C GLY A 239 22.60 31.28 11.48
N THR A 240 23.01 32.41 12.04
CA THR A 240 23.33 32.39 13.45
C THR A 240 22.12 32.75 14.32
N PHE A 241 22.32 32.69 15.63
CA PHE A 241 21.27 32.84 16.60
C PHE A 241 21.65 33.92 17.61
N GLN A 242 20.65 34.29 18.42
CA GLN A 242 20.70 35.42 19.34
C GLN A 242 19.89 35.12 20.59
N LYS A 243 20.37 35.60 21.74
CA LYS A 243 19.64 35.40 22.99
C LYS A 243 20.04 36.47 24.00
N TRP A 244 19.13 36.78 24.92
CA TRP A 244 19.53 37.59 26.06
C TRP A 244 18.73 37.22 27.29
N ALA A 245 19.25 37.66 28.44
CA ALA A 245 18.70 37.45 29.76
C ALA A 245 18.89 38.73 30.58
N ALA A 246 17.86 39.17 31.26
CA ALA A 246 17.92 40.41 32.01
C ALA A 246 17.52 40.20 33.46
N VAL A 247 18.08 41.03 34.32
CA VAL A 247 17.73 41.06 35.74
C VAL A 247 17.66 42.53 36.19
N VAL A 248 16.66 42.83 37.02
CA VAL A 248 16.55 44.18 37.57
C VAL A 248 17.08 44.17 38.99
N VAL A 249 18.04 45.05 39.26
CA VAL A 249 18.80 45.02 40.51
C VAL A 249 18.75 46.42 41.12
N PRO A 250 18.83 46.57 42.44
CA PRO A 250 18.83 47.91 43.02
C PRO A 250 20.13 48.61 42.69
N SER A 251 20.03 49.89 42.32
CA SER A 251 21.20 50.61 41.86
C SER A 251 22.17 50.84 43.00
N GLY A 252 23.45 50.94 42.66
CA GLY A 252 24.50 50.82 43.64
C GLY A 252 24.94 49.40 43.97
N GLN A 253 24.26 48.38 43.41
CA GLN A 253 24.60 46.98 43.70
C GLN A 253 24.90 46.17 42.45
N GLU A 254 25.15 46.80 41.30
CA GLU A 254 25.31 46.07 40.05
C GLU A 254 26.49 45.11 40.08
N GLN A 255 27.54 45.44 40.83
CA GLN A 255 28.75 44.63 40.81
C GLN A 255 28.61 43.32 41.57
N ARG A 256 27.47 43.10 42.25
CA ARG A 256 27.20 41.82 42.90
C ARG A 256 26.64 40.77 41.95
N TYR A 257 26.34 41.14 40.71
CA TYR A 257 25.65 40.27 39.78
C TYR A 257 26.60 39.80 38.69
N THR A 258 26.47 38.53 38.33
CA THR A 258 27.29 37.92 37.28
C THR A 258 26.37 37.17 36.33
N CYS A 259 26.67 37.28 35.05
CA CYS A 259 26.02 36.50 34.01
C CYS A 259 26.99 35.45 33.49
N HIS A 260 26.50 34.21 33.33
CA HIS A 260 27.35 33.08 32.96
C HIS A 260 26.86 32.45 31.66
N VAL A 261 27.64 32.57 30.60
CA VAL A 261 27.25 32.08 29.29
C VAL A 261 27.90 30.71 29.04
N GLN A 262 27.05 29.68 28.87
CA GLN A 262 27.49 28.33 28.53
C GLN A 262 27.10 28.00 27.10
N HIS A 263 28.09 27.56 26.31
CA HIS A 263 27.92 27.24 24.90
C HIS A 263 29.04 26.30 24.47
N GLU A 264 28.80 25.59 23.37
CA GLU A 264 29.78 24.59 22.93
C GLU A 264 30.98 25.23 22.26
N GLY A 265 30.82 26.42 21.68
CA GLY A 265 31.92 27.16 21.12
C GLY A 265 32.77 27.89 22.13
N LEU A 266 32.57 27.58 23.41
CA LEU A 266 33.28 28.25 24.51
C LEU A 266 34.05 27.21 25.29
N PRO A 267 35.40 27.18 25.20
CA PRO A 267 36.17 26.17 25.94
C PRO A 267 35.84 26.14 27.42
N LYS A 268 35.64 27.32 28.00
CA LYS A 268 35.27 27.54 29.39
C LYS A 268 34.09 28.49 29.42
N PRO A 269 33.12 28.25 30.32
CA PRO A 269 31.99 29.19 30.44
C PRO A 269 32.48 30.61 30.71
N LEU A 270 31.61 31.57 30.43
CA LEU A 270 31.96 32.98 30.42
C LEU A 270 31.22 33.69 31.53
N THR A 271 31.96 34.37 32.40
CA THR A 271 31.38 35.25 33.40
C THR A 271 31.53 36.69 32.93
N LEU A 272 30.45 37.45 33.03
CA LEU A 272 30.46 38.86 32.66
C LEU A 272 29.89 39.66 33.82
N ARG A 273 30.54 40.78 34.13
CA ARG A 273 30.10 41.69 35.17
C ARG A 273 30.03 43.11 34.60
N TRP A 274 29.17 43.92 35.17
CA TRP A 274 28.97 45.27 34.65
C TRP A 274 30.21 46.15 34.81
N MET B 1 -10.55 21.93 19.29
CA MET B 1 -9.73 22.82 18.48
C MET B 1 -8.92 23.82 19.34
N ILE B 2 -7.60 23.65 19.31
CA ILE B 2 -6.65 24.36 20.18
C ILE B 2 -6.30 25.72 19.60
N GLN B 3 -5.92 26.66 20.48
CA GLN B 3 -5.45 27.99 20.08
C GLN B 3 -4.23 28.38 20.90
N ARG B 4 -3.21 28.94 20.23
CA ARG B 4 -2.06 29.51 20.91
C ARG B 4 -1.81 30.94 20.40
N THR B 5 -1.35 31.81 21.31
CA THR B 5 -1.07 33.23 21.06
C THR B 5 0.38 33.43 20.62
N PRO B 6 0.62 34.20 19.56
CA PRO B 6 1.98 34.36 19.06
C PRO B 6 2.83 35.21 20.00
N LYS B 7 4.09 34.79 20.19
CA LYS B 7 5.08 35.61 20.87
C LYS B 7 5.85 36.39 19.82
N ILE B 8 6.19 37.63 20.14
CA ILE B 8 6.70 38.56 19.14
C ILE B 8 8.02 39.12 19.65
N GLN B 9 8.97 39.28 18.75
CA GLN B 9 10.27 39.88 19.04
C GLN B 9 10.72 40.66 17.83
N VAL B 10 11.13 41.90 18.03
CA VAL B 10 11.57 42.77 16.95
C VAL B 10 12.99 43.21 17.24
N TYR B 11 13.86 43.07 16.25
CA TYR B 11 15.29 43.19 16.49
C TYR B 11 15.98 43.22 15.13
N SER B 12 17.27 43.55 15.16
CA SER B 12 18.04 43.66 13.93
C SER B 12 19.01 42.48 13.84
N ARG B 13 19.35 42.14 12.59
CA ARG B 13 20.29 41.05 12.35
C ARG B 13 21.64 41.35 12.98
N HIS B 14 22.08 42.60 12.89
CA HIS B 14 23.37 43.04 13.41
C HIS B 14 23.17 44.20 14.37
N PRO B 15 24.14 44.45 15.25
CA PRO B 15 24.06 45.63 16.12
C PRO B 15 23.81 46.90 15.33
N ALA B 16 22.84 47.69 15.79
CA ALA B 16 22.41 48.88 15.08
C ALA B 16 23.51 49.95 15.06
N GLU B 17 23.71 50.55 13.89
CA GLU B 17 24.62 51.69 13.74
C GLU B 17 23.94 52.69 12.81
N ASN B 18 23.62 53.87 13.35
CA ASN B 18 22.90 54.90 12.60
C ASN B 18 23.58 55.18 11.27
N GLY B 19 22.83 54.99 10.18
CA GLY B 19 23.36 55.19 8.85
C GLY B 19 24.03 53.98 8.22
N LYS B 20 23.83 52.78 8.75
CA LYS B 20 24.50 51.57 8.28
C LYS B 20 23.47 50.51 7.91
N SER B 21 23.51 50.04 6.66
CA SER B 21 22.51 49.10 6.17
C SER B 21 22.51 47.80 7.00
N ASN B 22 21.30 47.32 7.29
CA ASN B 22 21.06 46.26 8.26
C ASN B 22 19.78 45.53 7.87
N PHE B 23 19.34 44.61 8.71
CA PHE B 23 18.12 43.85 8.46
C PHE B 23 17.23 43.93 9.68
N LEU B 24 15.96 44.23 9.47
CA LEU B 24 15.00 44.31 10.56
C LEU B 24 14.16 43.05 10.57
N ASN B 25 14.16 42.35 11.71
CA ASN B 25 13.50 41.07 11.90
C ASN B 25 12.23 41.23 12.75
N CYS B 26 11.22 40.42 12.44
CA CYS B 26 10.11 40.20 13.37
C CYS B 26 9.84 38.70 13.47
N TYR B 27 10.18 38.12 14.62
CA TYR B 27 10.13 36.69 14.85
C TYR B 27 8.84 36.36 15.58
N VAL B 28 7.97 35.60 14.93
CA VAL B 28 6.65 35.29 15.47
C VAL B 28 6.61 33.79 15.78
N SER B 29 6.38 33.44 17.04
CA SER B 29 6.53 32.06 17.42
C SER B 29 5.41 31.66 18.37
N GLY B 30 5.29 30.34 18.54
CA GLY B 30 4.38 29.77 19.52
C GLY B 30 2.90 29.86 19.22
N PHE B 31 2.50 30.15 17.99
CA PHE B 31 1.08 30.37 17.70
C PHE B 31 0.43 29.20 16.97
N HIS B 32 -0.91 29.14 17.10
CA HIS B 32 -1.74 28.12 16.46
C HIS B 32 -3.19 28.58 16.39
N PRO B 33 -3.85 28.52 15.21
CA PRO B 33 -3.36 27.95 13.95
C PRO B 33 -2.40 28.81 13.14
N SER B 34 -2.21 28.49 11.86
CA SER B 34 -1.09 29.02 11.12
C SER B 34 -1.37 30.36 10.45
N ASP B 35 -2.61 30.62 10.03
CA ASP B 35 -2.88 31.88 9.35
C ASP B 35 -2.60 33.04 10.29
N ILE B 36 -1.70 33.92 9.86
CA ILE B 36 -1.24 35.04 10.66
C ILE B 36 -0.94 36.18 9.71
N GLU B 37 -1.07 37.40 10.21
CA GLU B 37 -0.77 38.60 9.45
C GLU B 37 0.31 39.37 10.19
N VAL B 38 1.39 39.70 9.47
CA VAL B 38 2.58 40.30 10.03
C VAL B 38 3.03 41.38 9.06
N ASP B 39 3.15 42.60 9.56
CA ASP B 39 3.69 43.70 8.77
C ASP B 39 4.81 44.37 9.55
N LEU B 40 5.87 44.74 8.84
CA LEU B 40 6.90 45.62 9.39
C LEU B 40 6.55 47.07 9.05
N LEU B 41 6.63 47.94 10.04
CA LEU B 41 6.20 49.33 9.89
C LEU B 41 7.41 50.26 9.97
N LYS B 42 7.53 51.18 9.01
CA LYS B 42 8.44 52.32 9.11
C LYS B 42 7.62 53.57 9.40
N ASN B 43 7.88 54.19 10.56
CA ASN B 43 7.17 55.40 10.97
C ASN B 43 5.66 55.20 10.89
N GLY B 44 5.19 53.98 11.17
CA GLY B 44 3.78 53.68 11.22
C GLY B 44 3.16 53.14 9.95
N GLU B 45 3.88 53.13 8.83
CA GLU B 45 3.35 52.69 7.55
C GLU B 45 3.94 51.33 7.15
N ARG B 46 3.10 50.50 6.52
CA ARG B 46 3.53 49.17 6.10
C ARG B 46 4.71 49.25 5.14
N ILE B 47 5.78 48.52 5.45
CA ILE B 47 6.90 48.34 4.53
C ILE B 47 6.50 47.32 3.48
N GLU B 48 6.65 47.66 2.21
CA GLU B 48 6.45 46.66 1.18
C GLU B 48 7.75 45.88 0.99
N LYS B 49 7.67 44.80 0.21
CA LYS B 49 8.82 43.94 -0.09
C LYS B 49 9.45 43.40 1.20
N VAL B 50 8.62 42.75 1.99
CA VAL B 50 9.05 41.97 3.15
C VAL B 50 9.03 40.51 2.76
N GLU B 51 10.13 39.81 3.04
CA GLU B 51 10.18 38.36 2.92
C GLU B 51 9.96 37.72 4.29
N HIS B 52 9.68 36.42 4.26
CA HIS B 52 9.48 35.64 5.48
C HIS B 52 9.92 34.20 5.25
N SER B 53 10.34 33.54 6.33
CA SER B 53 10.81 32.17 6.29
C SER B 53 9.66 31.21 5.94
N ASP B 54 10.03 29.99 5.57
CA ASP B 54 9.03 28.96 5.32
C ASP B 54 8.38 28.50 6.63
N LEU B 55 7.09 28.23 6.56
CA LEU B 55 6.34 27.81 7.72
C LEU B 55 6.85 26.49 8.30
N SER B 56 7.17 26.52 9.59
CA SER B 56 7.58 25.32 10.30
C SER B 56 7.03 25.39 11.72
N PHE B 57 7.43 24.45 12.56
CA PHE B 57 6.87 24.37 13.90
C PHE B 57 7.83 23.64 14.84
N SER B 58 7.50 23.71 16.12
CA SER B 58 8.30 23.27 17.24
C SER B 58 7.73 21.97 17.79
N LYS B 59 8.43 21.40 18.78
CA LYS B 59 8.02 20.11 19.35
C LYS B 59 6.54 20.10 19.75
N ASP B 60 6.01 21.23 20.23
CA ASP B 60 4.65 21.28 20.75
C ASP B 60 3.62 21.66 19.68
N TRP B 61 4.00 21.64 18.41
CA TRP B 61 3.16 21.82 17.20
C TRP B 61 2.85 23.29 16.90
N SER B 62 3.25 24.23 17.75
CA SER B 62 3.04 25.63 17.40
C SER B 62 4.05 26.07 16.35
N PHE B 63 3.56 26.86 15.40
CA PHE B 63 4.34 27.38 14.29
C PHE B 63 5.18 28.58 14.69
N TYR B 64 6.30 28.76 13.97
CA TYR B 64 7.12 29.96 14.07
C TYR B 64 7.48 30.44 12.67
N LEU B 65 7.74 31.75 12.56
CA LEU B 65 8.02 32.40 11.28
C LEU B 65 8.93 33.60 11.51
N LEU B 66 9.85 33.82 10.58
CA LEU B 66 10.71 35.00 10.60
C LEU B 66 10.35 35.92 9.45
N TYR B 67 9.96 37.15 9.76
CA TYR B 67 9.75 38.20 8.77
C TYR B 67 10.95 39.15 8.81
N TYR B 68 11.40 39.61 7.65
CA TYR B 68 12.59 40.44 7.67
C TYR B 68 12.64 41.32 6.43
N THR B 69 13.29 42.47 6.58
CA THR B 69 13.44 43.38 5.46
C THR B 69 14.70 44.22 5.64
N GLU B 70 15.27 44.61 4.51
CA GLU B 70 16.43 45.48 4.51
C GLU B 70 16.05 46.86 4.99
N PHE B 71 16.84 47.40 5.91
CA PHE B 71 16.61 48.77 6.36
C PHE B 71 17.92 49.38 6.82
N THR B 72 17.89 50.68 7.05
CA THR B 72 19.03 51.40 7.61
C THR B 72 18.52 52.18 8.81
N PRO B 73 18.88 51.79 10.03
CA PRO B 73 18.37 52.51 11.19
C PRO B 73 18.96 53.91 11.23
N THR B 74 18.08 54.90 11.39
CA THR B 74 18.46 56.23 11.80
C THR B 74 17.99 56.43 13.24
N GLU B 75 18.35 57.57 13.82
CA GLU B 75 18.00 57.80 15.22
C GLU B 75 16.55 58.26 15.38
N LYS B 76 16.00 58.93 14.36
CA LYS B 76 14.61 59.39 14.44
C LYS B 76 13.60 58.39 13.87
N ASP B 77 14.03 57.49 12.98
CA ASP B 77 13.09 56.57 12.32
C ASP B 77 12.62 55.49 13.29
N GLU B 78 11.31 55.48 13.56
CA GLU B 78 10.69 54.45 14.37
C GLU B 78 10.40 53.22 13.54
N TYR B 79 10.47 52.06 14.19
CA TYR B 79 10.26 50.80 13.50
C TYR B 79 9.46 49.90 14.40
N ALA B 80 8.59 49.10 13.79
CA ALA B 80 7.70 48.26 14.58
C ALA B 80 7.28 47.06 13.76
N CYS B 81 6.67 46.10 14.45
CA CYS B 81 6.07 44.92 13.87
C CYS B 81 4.62 44.87 14.31
N ARG B 82 3.70 44.65 13.37
CA ARG B 82 2.28 44.57 13.68
C ARG B 82 1.74 43.20 13.31
N VAL B 83 1.14 42.51 14.28
CA VAL B 83 0.71 41.14 14.10
C VAL B 83 -0.77 41.01 14.45
N ASN B 84 -1.53 40.42 13.54
CA ASN B 84 -2.90 40.00 13.81
C ASN B 84 -3.03 38.48 13.70
N HIS B 85 -3.96 37.94 14.49
CA HIS B 85 -4.21 36.52 14.67
C HIS B 85 -5.55 36.35 15.37
N VAL B 86 -6.22 35.22 15.08
CA VAL B 86 -7.50 34.88 15.70
C VAL B 86 -7.44 34.85 17.22
N THR B 87 -6.25 34.79 17.81
CA THR B 87 -6.10 34.79 19.27
C THR B 87 -5.92 36.19 19.85
N LEU B 88 -6.02 37.24 19.05
CA LEU B 88 -5.88 38.63 19.49
C LEU B 88 -7.18 39.37 19.23
N SER B 89 -7.67 40.11 20.22
CA SER B 89 -8.87 40.93 20.03
C SER B 89 -8.61 42.10 19.10
N GLN B 90 -7.37 42.55 18.97
CA GLN B 90 -7.00 43.57 18.00
C GLN B 90 -5.53 43.40 17.69
N PRO B 91 -5.07 43.89 16.53
CA PRO B 91 -3.66 43.75 16.15
C PRO B 91 -2.73 44.20 17.28
N LYS B 92 -1.56 43.58 17.35
CA LYS B 92 -0.58 43.91 18.36
C LYS B 92 0.61 44.56 17.70
N ILE B 93 1.06 45.68 18.27
CA ILE B 93 2.24 46.39 17.79
C ILE B 93 3.36 46.18 18.79
N VAL B 94 4.53 45.79 18.30
CA VAL B 94 5.73 45.74 19.11
C VAL B 94 6.76 46.65 18.45
N LYS B 95 7.19 47.66 19.18
CA LYS B 95 8.13 48.63 18.66
C LYS B 95 9.55 48.09 18.78
N TRP B 96 10.35 48.34 17.75
CA TRP B 96 11.75 47.97 17.77
C TRP B 96 12.50 48.89 18.74
N ASP B 97 13.07 48.29 19.78
CA ASP B 97 14.00 48.97 20.68
C ASP B 97 15.41 48.43 20.41
N ARG B 98 16.37 49.33 20.30
CA ARG B 98 17.77 48.98 20.04
C ARG B 98 18.34 48.00 21.04
N ASP B 99 17.79 47.95 22.26
CA ASP B 99 18.37 47.16 23.34
C ASP B 99 17.48 46.00 23.79
N MET B 100 16.52 45.57 22.98
CA MET B 100 15.73 44.39 23.35
C MET B 100 15.76 43.23 22.31
N ARG C 1 17.00 13.29 2.74
CA ARG C 1 16.09 12.50 1.92
C ARG C 1 14.76 12.28 2.63
N LEU C 2 13.68 12.50 1.88
CA LEU C 2 12.35 12.14 2.35
C LEU C 2 12.16 10.62 2.32
N GLN C 3 11.49 10.11 3.35
CA GLN C 3 10.95 8.77 3.30
C GLN C 3 9.95 8.63 2.15
N SER C 4 9.96 7.46 1.53
CA SER C 4 9.12 7.15 0.37
C SER C 4 7.70 6.79 0.77
N LEU C 5 7.55 5.86 1.71
CA LEU C 5 6.28 5.20 1.94
C LEU C 5 5.14 6.19 2.19
N GLN C 6 4.02 6.00 1.49
CA GLN C 6 2.83 6.85 1.59
C GLN C 6 1.86 6.25 2.61
N THR C 7 1.70 6.91 3.74
CA THR C 7 0.77 6.46 4.77
C THR C 7 -0.45 7.37 4.85
N TYR C 8 -1.54 6.84 5.36
CA TYR C 8 -2.80 7.60 5.56
C TYR C 8 -3.36 7.30 6.94
N VAL C 9 -4.04 8.26 7.52
CA VAL C 9 -4.58 8.11 8.90
C VAL C 9 -5.92 7.36 8.85
N GLN D 1 8.12 -1.32 -12.18
CA GLN D 1 7.88 -2.32 -11.13
C GLN D 1 7.82 -3.72 -11.69
N ARG D 2 8.65 -4.02 -12.70
CA ARG D 2 8.65 -5.35 -13.28
C ARG D 2 8.80 -6.37 -12.17
N VAL D 3 7.92 -7.37 -12.20
CA VAL D 3 7.99 -8.56 -11.37
C VAL D 3 8.00 -9.73 -12.35
N THR D 4 9.05 -10.53 -12.31
CA THR D 4 9.22 -11.62 -13.27
C THR D 4 9.11 -12.94 -12.51
N GLN D 5 8.08 -13.72 -12.83
CA GLN D 5 8.04 -15.12 -12.45
C GLN D 5 8.43 -15.95 -13.66
N PRO D 6 9.64 -16.54 -13.69
CA PRO D 6 10.12 -17.13 -14.95
C PRO D 6 9.35 -18.37 -15.38
N GLU D 7 9.06 -19.27 -14.45
CA GLU D 7 8.33 -20.49 -14.75
C GLU D 7 6.82 -20.29 -14.59
N LYS D 8 6.06 -20.74 -15.60
CA LYS D 8 4.59 -20.74 -15.56
C LYS D 8 4.01 -21.93 -14.82
N LEU D 9 4.69 -23.08 -14.87
CA LEU D 9 4.23 -24.34 -14.29
C LEU D 9 5.37 -24.99 -13.51
N LEU D 10 5.08 -25.43 -12.29
CA LEU D 10 6.02 -26.17 -11.47
C LEU D 10 5.34 -27.44 -10.98
N SER D 11 5.90 -28.60 -11.33
CA SER D 11 5.32 -29.89 -10.99
C SER D 11 6.29 -30.66 -10.10
N VAL D 12 5.87 -30.96 -8.86
CA VAL D 12 6.69 -31.72 -7.91
C VAL D 12 5.85 -32.79 -7.22
N PHE D 13 6.56 -33.73 -6.61
CA PHE D 13 5.95 -34.84 -5.87
C PHE D 13 5.80 -34.46 -4.42
N LYS D 14 4.74 -34.99 -3.79
CA LYS D 14 4.56 -34.81 -2.35
C LYS D 14 5.85 -35.14 -1.61
N GLY D 15 6.26 -34.22 -0.74
CA GLY D 15 7.44 -34.42 0.06
C GLY D 15 8.75 -33.99 -0.56
N ALA D 16 8.74 -33.52 -1.83
CA ALA D 16 9.90 -32.94 -2.50
C ALA D 16 9.96 -31.43 -2.26
N PRO D 17 11.12 -30.81 -2.38
CA PRO D 17 11.23 -29.38 -2.03
C PRO D 17 10.67 -28.45 -3.10
N VAL D 18 10.21 -27.28 -2.65
CA VAL D 18 9.52 -26.33 -3.53
C VAL D 18 10.26 -25.01 -3.56
N GLU D 19 10.55 -24.54 -4.77
CA GLU D 19 11.18 -23.24 -4.97
C GLU D 19 10.52 -22.54 -6.14
N LEU D 20 9.70 -21.54 -5.83
CA LEU D 20 9.05 -20.69 -6.83
C LEU D 20 9.86 -19.41 -6.96
N LYS D 21 10.44 -19.20 -8.14
CA LYS D 21 11.28 -18.03 -8.36
C LYS D 21 10.45 -16.74 -8.36
N CYS D 22 11.11 -15.64 -8.03
CA CYS D 22 10.58 -14.29 -8.30
C CYS D 22 11.73 -13.31 -8.34
N ASN D 23 11.89 -12.63 -9.47
CA ASN D 23 12.82 -11.52 -9.58
C ASN D 23 12.04 -10.23 -9.86
N TYR D 24 12.66 -9.10 -9.53
CA TYR D 24 11.97 -7.84 -9.71
C TYR D 24 12.96 -6.75 -10.10
N SER D 25 12.47 -5.78 -10.86
CA SER D 25 13.26 -4.66 -11.36
C SER D 25 12.51 -3.37 -11.04
N TYR D 26 12.99 -2.61 -10.04
CA TYR D 26 12.34 -1.38 -9.59
C TYR D 26 13.40 -0.42 -9.09
N SER D 27 13.46 0.78 -9.67
CA SER D 27 14.49 1.72 -9.28
C SER D 27 14.27 2.34 -7.90
N GLY D 28 13.05 2.26 -7.35
CA GLY D 28 12.75 2.83 -6.01
C GLY D 28 12.81 1.88 -4.83
N SER D 29 11.99 2.16 -3.85
CA SER D 29 11.76 1.51 -2.53
C SER D 29 10.65 0.48 -2.64
N PRO D 30 10.90 -0.83 -2.58
CA PRO D 30 9.84 -1.77 -2.73
C PRO D 30 9.44 -2.54 -1.46
N GLU D 31 8.22 -3.05 -1.48
CA GLU D 31 7.74 -4.00 -0.47
C GLU D 31 7.31 -5.21 -1.26
N LEU D 32 7.65 -6.38 -0.79
CA LEU D 32 7.40 -7.59 -1.56
C LEU D 32 6.38 -8.49 -0.87
N PHE D 33 5.50 -9.09 -1.68
CA PHE D 33 4.44 -9.98 -1.26
C PHE D 33 4.45 -11.28 -2.10
N TRP D 34 3.95 -12.36 -1.51
CA TRP D 34 3.44 -13.48 -2.30
C TRP D 34 1.95 -13.63 -2.03
N TYR D 35 1.18 -13.81 -3.10
CA TYR D 35 -0.25 -14.12 -3.01
C TYR D 35 -0.50 -15.51 -3.60
N VAL D 36 -1.55 -16.18 -3.12
CA VAL D 36 -1.89 -17.52 -3.55
C VAL D 36 -3.38 -17.56 -3.87
N GLN D 37 -3.75 -18.40 -4.84
CA GLN D 37 -5.17 -18.67 -5.11
C GLN D 37 -5.37 -20.17 -5.31
N TYR D 38 -5.84 -20.84 -4.26
CA TYR D 38 -6.40 -22.17 -4.37
C TYR D 38 -7.60 -22.22 -5.32
N SER D 39 -7.82 -23.39 -5.93
CA SER D 39 -8.85 -23.52 -6.95
C SER D 39 -10.24 -23.29 -6.36
N ARG D 40 -11.14 -22.75 -7.20
CA ARG D 40 -12.46 -22.26 -6.84
C ARG D 40 -12.42 -21.43 -5.55
N GLN D 41 -11.30 -20.73 -5.32
CA GLN D 41 -11.12 -19.86 -4.16
C GLN D 41 -10.58 -18.50 -4.61
N ARG D 42 -10.66 -17.51 -3.72
CA ARG D 42 -10.28 -16.14 -4.05
C ARG D 42 -8.79 -15.94 -3.93
N LEU D 43 -8.25 -15.11 -4.83
CA LEU D 43 -6.91 -14.58 -4.65
C LEU D 43 -6.73 -14.03 -3.24
N GLN D 44 -5.67 -14.49 -2.56
CA GLN D 44 -5.48 -14.11 -1.17
C GLN D 44 -3.98 -14.02 -0.87
N LEU D 45 -3.66 -13.28 0.19
CA LEU D 45 -2.28 -13.09 0.59
C LEU D 45 -1.71 -14.38 1.15
N LEU D 46 -0.44 -14.66 0.81
CA LEU D 46 0.31 -15.76 1.39
C LEU D 46 1.30 -15.28 2.45
N LEU D 47 2.21 -14.37 2.09
CA LEU D 47 3.05 -13.75 3.11
C LEU D 47 3.55 -12.39 2.64
N ARG D 48 4.10 -11.65 3.58
CA ARG D 48 4.69 -10.34 3.32
C ARG D 48 6.11 -10.31 3.86
N HIS D 49 7.01 -9.74 3.07
CA HIS D 49 8.41 -9.62 3.48
C HIS D 49 8.56 -9.09 4.91
N ILE D 50 8.03 -7.89 5.17
CA ILE D 50 8.36 -7.18 6.41
C ILE D 50 7.69 -7.78 7.63
N SER D 51 6.73 -8.69 7.44
CA SER D 51 6.21 -9.48 8.54
C SER D 51 7.22 -10.50 9.06
N ARG D 52 8.28 -10.81 8.31
CA ARG D 52 9.33 -11.79 8.70
C ARG D 52 8.65 -13.10 9.12
N GLU D 53 7.65 -13.49 8.36
CA GLU D 53 6.75 -14.54 8.78
C GLU D 53 6.93 -15.77 7.90
N SER D 54 6.53 -16.92 8.43
CA SER D 54 6.39 -18.15 7.65
C SER D 54 4.93 -18.58 7.66
N ILE D 55 4.37 -18.83 6.47
CA ILE D 55 2.96 -19.17 6.32
C ILE D 55 2.84 -20.51 5.62
N LYS D 56 2.00 -21.38 6.17
CA LYS D 56 1.72 -22.71 5.60
C LYS D 56 3.00 -23.43 5.19
N GLY D 57 4.01 -23.36 6.05
CA GLY D 57 5.32 -23.92 5.80
C GLY D 57 6.20 -23.14 4.84
N PHE D 58 5.77 -21.96 4.39
CA PHE D 58 6.49 -21.23 3.34
C PHE D 58 7.38 -20.14 3.93
N THR D 59 8.59 -20.02 3.40
CA THR D 59 9.47 -18.90 3.68
C THR D 59 9.93 -18.25 2.39
N ALA D 60 10.15 -16.94 2.45
CA ALA D 60 10.80 -16.25 1.34
C ALA D 60 11.72 -15.19 1.91
N ASP D 61 12.88 -15.04 1.28
CA ASP D 61 13.89 -14.11 1.75
C ASP D 61 14.21 -13.11 0.66
N LEU D 62 14.20 -11.83 1.03
CA LEU D 62 14.55 -10.76 0.11
C LEU D 62 16.06 -10.68 -0.02
N ASN D 63 16.58 -10.90 -1.23
CA ASN D 63 17.98 -10.67 -1.54
C ASN D 63 18.07 -9.43 -2.40
N LYS D 64 18.63 -8.35 -1.85
CA LYS D 64 18.64 -7.10 -2.57
C LYS D 64 19.75 -7.03 -3.62
N GLY D 65 20.85 -7.76 -3.42
CA GLY D 65 21.84 -7.87 -4.49
C GLY D 65 21.27 -8.56 -5.72
N GLU D 66 20.62 -9.68 -5.51
CA GLU D 66 20.06 -10.53 -6.59
C GLU D 66 18.66 -10.06 -6.99
N THR D 67 18.08 -9.10 -6.26
CA THR D 67 16.72 -8.57 -6.50
C THR D 67 15.76 -9.73 -6.68
N SER D 68 15.68 -10.56 -5.67
CA SER D 68 14.88 -11.77 -5.69
C SER D 68 14.11 -11.91 -4.39
N PHE D 69 13.06 -12.69 -4.43
CA PHE D 69 12.17 -12.95 -3.31
C PHE D 69 11.55 -14.33 -3.56
N HIS D 70 12.43 -15.33 -3.71
CA HIS D 70 12.02 -16.69 -4.04
C HIS D 70 11.22 -17.30 -2.90
N LEU D 71 10.17 -18.05 -3.25
CA LEU D 71 9.35 -18.75 -2.26
C LEU D 71 9.85 -20.19 -2.16
N LYS D 72 10.18 -20.59 -0.94
CA LYS D 72 10.87 -21.83 -0.66
C LYS D 72 10.09 -22.58 0.41
N LYS D 73 10.11 -23.92 0.28
CA LYS D 73 9.52 -24.82 1.26
C LYS D 73 10.17 -26.20 1.10
N PRO D 74 10.64 -26.80 2.19
CA PRO D 74 11.41 -28.05 2.09
C PRO D 74 10.61 -29.33 1.83
N PHE D 75 9.33 -29.41 2.24
CA PHE D 75 8.50 -30.62 2.12
C PHE D 75 7.14 -30.23 1.52
N ALA D 76 6.99 -30.43 0.22
CA ALA D 76 5.74 -30.10 -0.48
C ALA D 76 4.59 -31.00 -0.08
N GLN D 77 3.40 -30.41 0.07
CA GLN D 77 2.17 -31.15 0.36
C GLN D 77 1.14 -30.88 -0.73
N GLU D 78 0.13 -31.77 -0.80
CA GLU D 78 -0.89 -31.66 -1.85
C GLU D 78 -1.79 -30.45 -1.63
N GLU D 79 -2.09 -30.12 -0.39
CA GLU D 79 -2.82 -28.88 -0.13
C GLU D 79 -2.11 -27.64 -0.69
N ASP D 80 -0.82 -27.76 -1.02
CA ASP D 80 -0.09 -26.62 -1.58
C ASP D 80 -0.36 -26.41 -3.07
N SER D 81 -1.02 -27.34 -3.73
CA SER D 81 -1.30 -27.14 -5.18
C SER D 81 -2.19 -25.91 -5.35
N ALA D 82 -1.72 -24.90 -6.09
CA ALA D 82 -2.42 -23.61 -6.28
C ALA D 82 -1.66 -22.72 -7.23
N MET D 83 -2.20 -21.55 -7.51
CA MET D 83 -1.48 -20.56 -8.33
C MET D 83 -0.73 -19.63 -7.40
N TYR D 84 0.49 -19.25 -7.73
CA TYR D 84 1.24 -18.32 -6.86
C TYR D 84 1.63 -17.06 -7.62
N TYR D 85 1.54 -15.95 -6.95
CA TYR D 85 1.80 -14.66 -7.58
C TYR D 85 2.76 -13.89 -6.69
N CYS D 86 3.87 -13.48 -7.28
CA CYS D 86 4.77 -12.53 -6.66
C CYS D 86 4.21 -11.13 -6.84
N ALA D 87 4.32 -10.28 -5.81
CA ALA D 87 3.85 -8.90 -5.97
C ALA D 87 4.79 -7.88 -5.35
N LEU D 88 4.89 -6.74 -6.02
CA LEU D 88 5.72 -5.61 -5.60
C LEU D 88 4.87 -4.35 -5.36
N SER D 89 4.81 -3.91 -4.10
CA SER D 89 4.35 -2.56 -3.77
C SER D 89 5.48 -1.56 -3.98
N GLY D 90 5.26 -0.57 -4.85
CA GLY D 90 6.32 0.37 -5.17
C GLY D 90 6.09 1.73 -4.53
N PHE D 91 6.90 2.07 -3.53
CA PHE D 91 6.59 3.24 -2.69
C PHE D 91 6.71 4.55 -3.46
N ASN D 92 7.48 4.59 -4.55
CA ASN D 92 7.61 5.78 -5.38
C ASN D 92 6.51 5.90 -6.43
N ASN D 93 5.53 5.02 -6.39
CA ASN D 93 4.34 5.15 -7.23
C ASN D 93 3.14 5.56 -6.35
N ALA D 94 2.17 6.22 -6.98
CA ALA D 94 1.04 6.76 -6.24
C ALA D 94 0.32 5.63 -5.49
N GLY D 95 0.10 5.85 -4.19
CA GLY D 95 -0.63 4.89 -3.39
C GLY D 95 0.11 3.60 -3.10
N ASN D 96 1.44 3.62 -3.23
CA ASN D 96 2.28 2.42 -3.16
C ASN D 96 1.63 1.30 -3.95
N MET D 97 1.33 1.58 -5.22
CA MET D 97 0.59 0.65 -6.07
C MET D 97 1.32 -0.68 -6.20
N LEU D 98 0.54 -1.73 -6.48
CA LEU D 98 1.01 -3.09 -6.46
C LEU D 98 1.05 -3.65 -7.88
N THR D 99 2.18 -4.26 -8.24
CA THR D 99 2.37 -4.89 -9.54
C THR D 99 2.59 -6.39 -9.32
N PHE D 100 1.74 -7.22 -9.95
CA PHE D 100 1.86 -8.66 -9.83
C PHE D 100 2.74 -9.24 -10.93
N GLY D 101 3.46 -10.31 -10.59
CA GLY D 101 4.09 -11.14 -11.60
C GLY D 101 3.05 -12.00 -12.33
N GLY D 102 3.54 -12.78 -13.29
CA GLY D 102 2.70 -13.49 -14.24
C GLY D 102 2.05 -14.75 -13.69
N GLY D 103 2.46 -15.22 -12.52
CA GLY D 103 1.89 -16.41 -11.90
C GLY D 103 2.66 -17.67 -12.24
N THR D 104 2.66 -18.62 -11.28
CA THR D 104 3.26 -19.94 -11.46
C THR D 104 2.32 -20.97 -10.84
N ARG D 105 1.84 -21.91 -11.65
CA ARG D 105 0.97 -22.94 -11.12
C ARG D 105 1.82 -23.99 -10.41
N LEU D 106 1.47 -24.30 -9.17
CA LEU D 106 2.14 -25.34 -8.40
C LEU D 106 1.26 -26.58 -8.36
N MET D 107 1.79 -27.70 -8.87
CA MET D 107 1.11 -29.00 -8.82
C MET D 107 2.00 -29.95 -8.02
N VAL D 108 1.44 -30.49 -6.95
CA VAL D 108 2.11 -31.44 -6.08
C VAL D 108 1.48 -32.81 -6.35
N LYS D 109 2.22 -33.68 -7.06
CA LYS D 109 1.69 -35.00 -7.41
C LYS D 109 1.56 -35.87 -6.17
N PRO D 110 0.48 -36.64 -6.05
CA PRO D 110 0.30 -37.49 -4.88
C PRO D 110 1.14 -38.75 -4.96
N ASN D 111 1.36 -39.35 -3.80
CA ASN D 111 2.16 -40.57 -3.66
C ASN D 111 1.21 -41.76 -3.57
N ILE D 112 1.04 -42.48 -4.67
CA ILE D 112 0.09 -43.58 -4.75
C ILE D 112 0.75 -44.82 -4.18
N GLN D 113 0.37 -45.19 -2.94
CA GLN D 113 1.05 -46.29 -2.26
C GLN D 113 0.78 -47.62 -2.95
N ASN D 114 -0.44 -47.86 -3.42
CA ASN D 114 -0.85 -49.16 -3.97
C ASN D 114 -1.42 -48.95 -5.37
N PRO D 115 -0.56 -48.80 -6.37
CA PRO D 115 -1.05 -48.67 -7.74
C PRO D 115 -1.65 -49.97 -8.24
N ASP D 116 -2.67 -49.82 -9.11
CA ASP D 116 -3.30 -50.96 -9.75
C ASP D 116 -3.85 -50.52 -11.10
N PRO D 117 -2.97 -50.19 -12.04
CA PRO D 117 -3.41 -49.52 -13.27
C PRO D 117 -4.32 -50.41 -14.12
N ALA D 118 -5.50 -49.88 -14.44
CA ALA D 118 -6.48 -50.56 -15.26
C ALA D 118 -7.20 -49.54 -16.14
N VAL D 119 -7.59 -49.98 -17.34
CA VAL D 119 -8.45 -49.20 -18.22
C VAL D 119 -9.79 -49.91 -18.31
N TYR D 120 -10.88 -49.18 -18.04
CA TYR D 120 -12.23 -49.72 -18.05
C TYR D 120 -13.07 -49.06 -19.12
N GLN D 121 -14.23 -49.66 -19.41
CA GLN D 121 -15.23 -49.06 -20.28
C GLN D 121 -16.50 -48.81 -19.48
N LEU D 122 -17.06 -47.62 -19.63
CA LEU D 122 -18.31 -47.24 -18.98
C LEU D 122 -19.36 -46.98 -20.05
N ARG D 123 -20.61 -47.33 -19.78
CA ARG D 123 -21.70 -47.07 -20.72
C ARG D 123 -22.66 -46.01 -20.19
N ASP D 124 -23.23 -45.24 -21.12
CA ASP D 124 -24.14 -44.14 -20.78
C ASP D 124 -25.38 -44.66 -20.05
N SER D 125 -25.94 -43.81 -19.20
CA SER D 125 -27.11 -44.15 -18.39
C SER D 125 -28.43 -43.76 -19.02
N LYS D 126 -28.44 -43.20 -20.23
CA LYS D 126 -29.68 -42.75 -20.87
C LYS D 126 -29.82 -43.39 -22.26
N SER D 127 -29.28 -42.73 -23.27
CA SER D 127 -29.32 -43.25 -24.64
C SER D 127 -28.18 -44.23 -24.83
N SER D 128 -28.46 -45.34 -25.51
CA SER D 128 -27.58 -46.51 -25.53
C SER D 128 -26.27 -46.21 -26.27
N ASP D 129 -25.27 -47.03 -25.94
CA ASP D 129 -23.99 -47.15 -26.63
C ASP D 129 -23.26 -45.80 -26.85
N LYS D 130 -23.62 -44.76 -26.10
CA LYS D 130 -22.63 -43.73 -25.78
C LYS D 130 -21.70 -44.31 -24.72
N SER D 131 -20.40 -44.18 -24.89
CA SER D 131 -19.52 -44.85 -23.92
C SER D 131 -18.13 -44.21 -23.93
N VAL D 132 -17.49 -44.24 -22.75
CA VAL D 132 -16.18 -43.65 -22.53
C VAL D 132 -15.28 -44.63 -21.80
N CYS D 133 -13.97 -44.41 -21.93
CA CYS D 133 -12.93 -45.25 -21.34
C CYS D 133 -12.18 -44.52 -20.24
N LEU D 134 -11.92 -45.22 -19.14
CA LEU D 134 -11.30 -44.64 -17.94
C LEU D 134 -10.00 -45.36 -17.63
N PHE D 135 -8.88 -44.67 -17.83
CA PHE D 135 -7.60 -45.09 -17.29
C PHE D 135 -7.54 -44.66 -15.84
N THR D 136 -7.33 -45.60 -14.93
CA THR D 136 -7.33 -45.20 -13.53
C THR D 136 -6.38 -46.05 -12.71
N ASP D 137 -6.08 -45.54 -11.52
CA ASP D 137 -5.29 -46.23 -10.49
C ASP D 137 -3.84 -46.43 -10.92
N PHE D 138 -3.31 -45.52 -11.73
CA PHE D 138 -1.90 -45.48 -12.10
C PHE D 138 -1.12 -44.54 -11.17
N ASP D 139 0.18 -44.81 -11.07
CA ASP D 139 1.11 -44.01 -10.27
C ASP D 139 1.23 -42.60 -10.83
N SER D 140 1.77 -41.70 -10.00
CA SER D 140 1.94 -40.31 -10.43
C SER D 140 3.00 -40.17 -11.51
N GLN D 141 3.89 -41.17 -11.67
CA GLN D 141 4.90 -41.13 -12.72
C GLN D 141 4.29 -41.29 -14.11
N THR D 142 3.12 -41.90 -14.22
CA THR D 142 2.44 -42.03 -15.50
C THR D 142 1.95 -40.66 -15.94
N ASN D 143 2.50 -40.13 -17.02
CA ASN D 143 2.00 -38.93 -17.64
C ASN D 143 1.04 -39.30 -18.77
N VAL D 144 -0.05 -38.56 -18.87
CA VAL D 144 -1.09 -38.84 -19.86
C VAL D 144 -0.94 -37.85 -21.01
N SER D 145 -0.84 -38.38 -22.23
CA SER D 145 -0.77 -37.55 -23.42
C SER D 145 -2.10 -37.56 -24.16
N GLN D 146 -2.22 -36.66 -25.14
CA GLN D 146 -3.42 -36.61 -25.98
C GLN D 146 -3.34 -37.69 -27.05
N SER D 147 -4.30 -37.70 -27.97
CA SER D 147 -4.40 -38.75 -28.98
C SER D 147 -4.17 -38.19 -30.37
N LYS D 148 -3.53 -39.01 -31.21
CA LYS D 148 -3.25 -38.65 -32.60
C LYS D 148 -4.54 -38.33 -33.34
N ASP D 149 -5.64 -39.00 -32.98
CA ASP D 149 -6.96 -38.69 -33.53
C ASP D 149 -7.51 -37.45 -32.84
N SER D 150 -7.73 -36.38 -33.60
CA SER D 150 -8.28 -35.15 -33.02
C SER D 150 -9.79 -35.20 -32.87
N ASP D 151 -10.42 -36.32 -33.20
CA ASP D 151 -11.82 -36.57 -32.86
C ASP D 151 -11.97 -37.50 -31.66
N VAL D 152 -10.85 -37.96 -31.10
CA VAL D 152 -10.83 -38.63 -29.80
C VAL D 152 -10.34 -37.61 -28.78
N TYR D 153 -11.09 -37.45 -27.69
CA TYR D 153 -10.80 -36.46 -26.67
C TYR D 153 -10.27 -37.16 -25.42
N ILE D 154 -9.19 -36.63 -24.86
CA ILE D 154 -8.50 -37.23 -23.72
C ILE D 154 -8.17 -36.13 -22.73
N THR D 155 -8.56 -36.31 -21.48
CA THR D 155 -8.30 -35.31 -20.45
C THR D 155 -7.09 -35.68 -19.61
N ASP D 156 -6.44 -34.65 -19.07
CA ASP D 156 -5.26 -34.84 -18.24
C ASP D 156 -5.58 -35.70 -17.03
N LYS D 157 -4.54 -36.19 -16.37
CA LYS D 157 -4.70 -36.98 -15.16
C LYS D 157 -5.06 -36.07 -14.00
N CYS D 158 -5.97 -36.56 -13.16
CA CYS D 158 -6.67 -35.80 -12.14
C CYS D 158 -6.78 -36.69 -10.91
N VAL D 159 -6.59 -36.12 -9.72
CA VAL D 159 -6.51 -36.88 -8.48
C VAL D 159 -7.79 -36.70 -7.68
N LEU D 160 -8.42 -37.81 -7.26
CA LEU D 160 -9.57 -37.77 -6.37
C LEU D 160 -9.24 -38.40 -5.03
N ASP D 161 -10.00 -38.03 -4.00
CA ASP D 161 -9.68 -38.34 -2.61
C ASP D 161 -10.94 -38.89 -1.92
N MET D 162 -10.95 -40.20 -1.67
CA MET D 162 -12.02 -40.85 -0.92
C MET D 162 -11.62 -40.82 0.55
N ARG D 163 -12.01 -39.73 1.22
CA ARG D 163 -11.40 -39.40 2.51
C ARG D 163 -11.81 -40.37 3.60
N SER D 164 -13.06 -40.82 3.59
CA SER D 164 -13.50 -41.80 4.58
C SER D 164 -12.63 -43.06 4.55
N MET D 165 -12.22 -43.49 3.36
CA MET D 165 -11.35 -44.65 3.23
C MET D 165 -9.86 -44.31 3.22
N ASP D 166 -9.52 -43.02 3.21
CA ASP D 166 -8.14 -42.56 3.04
C ASP D 166 -7.48 -43.25 1.85
N PHE D 167 -8.07 -43.05 0.68
CA PHE D 167 -7.61 -43.63 -0.58
C PHE D 167 -7.50 -42.53 -1.62
N LYS D 168 -6.32 -42.39 -2.22
CA LYS D 168 -6.11 -41.48 -3.35
C LYS D 168 -5.99 -42.30 -4.62
N SER D 169 -6.35 -41.68 -5.74
CA SER D 169 -6.25 -42.36 -7.03
C SER D 169 -6.19 -41.34 -8.13
N ASN D 170 -5.39 -41.62 -9.15
CA ASN D 170 -5.38 -40.84 -10.37
C ASN D 170 -6.43 -41.40 -11.35
N SER D 171 -6.78 -40.57 -12.33
CA SER D 171 -7.69 -41.01 -13.38
C SER D 171 -7.58 -40.06 -14.54
N ALA D 172 -7.93 -40.57 -15.72
CA ALA D 172 -8.04 -39.79 -16.95
C ALA D 172 -9.06 -40.47 -17.85
N VAL D 173 -9.76 -39.66 -18.63
CA VAL D 173 -10.92 -40.12 -19.39
C VAL D 173 -10.65 -39.86 -20.86
N ALA D 174 -11.08 -40.78 -21.70
CA ALA D 174 -11.05 -40.59 -23.13
C ALA D 174 -12.40 -41.01 -23.69
N TRP D 175 -12.84 -40.32 -24.73
CA TRP D 175 -14.05 -40.77 -25.42
C TRP D 175 -13.97 -40.36 -26.88
N SER D 176 -14.84 -41.00 -27.67
CA SER D 176 -15.07 -40.63 -29.05
C SER D 176 -16.46 -41.09 -29.45
N ASN D 177 -17.10 -40.32 -30.33
CA ASN D 177 -18.33 -40.79 -30.94
C ASN D 177 -18.09 -41.47 -32.28
N LYS D 178 -16.86 -41.42 -32.81
CA LYS D 178 -16.46 -42.37 -33.84
C LYS D 178 -16.79 -43.78 -33.36
N SER D 179 -17.73 -44.43 -34.04
CA SER D 179 -18.40 -45.61 -33.51
C SER D 179 -17.51 -46.84 -33.43
N ASP D 180 -16.30 -46.80 -33.99
CA ASP D 180 -15.34 -47.90 -33.86
C ASP D 180 -14.07 -47.35 -33.22
N PHE D 181 -14.19 -47.00 -31.93
CA PHE D 181 -13.09 -46.56 -31.07
C PHE D 181 -13.09 -47.45 -29.84
N ALA D 182 -11.94 -48.06 -29.55
CA ALA D 182 -11.85 -49.07 -28.50
C ALA D 182 -11.06 -48.54 -27.31
N CYS D 183 -11.37 -49.09 -26.13
CA CYS D 183 -10.59 -48.74 -24.95
C CYS D 183 -9.20 -49.37 -24.99
N ALA D 184 -9.04 -50.49 -25.73
CA ALA D 184 -7.72 -51.09 -25.88
C ALA D 184 -6.77 -50.14 -26.63
N ASN D 185 -7.29 -49.43 -27.63
CA ASN D 185 -6.48 -48.48 -28.39
C ASN D 185 -6.90 -47.05 -28.10
N ALA D 186 -6.93 -46.67 -26.83
CA ALA D 186 -7.30 -45.31 -26.47
C ALA D 186 -6.16 -44.51 -25.87
N PHE D 187 -5.38 -45.11 -24.98
CA PHE D 187 -4.39 -44.34 -24.23
C PHE D 187 -2.96 -44.64 -24.71
N ASN D 188 -2.72 -44.56 -26.02
CA ASN D 188 -1.41 -44.90 -26.55
C ASN D 188 -0.43 -43.74 -26.34
N ASN D 189 -0.18 -43.49 -25.06
CA ASN D 189 1.06 -42.94 -24.52
C ASN D 189 1.68 -44.02 -23.63
N SER D 190 2.70 -43.67 -22.86
CA SER D 190 3.50 -44.67 -22.15
C SER D 190 2.84 -45.02 -20.80
N ILE D 191 2.10 -46.12 -20.79
CA ILE D 191 1.45 -46.62 -19.60
C ILE D 191 2.28 -47.77 -19.05
N ILE D 192 1.88 -48.27 -17.90
CA ILE D 192 2.64 -49.40 -17.32
C ILE D 192 2.35 -50.68 -18.09
N PRO D 193 3.30 -51.59 -18.35
CA PRO D 193 3.01 -52.87 -18.99
C PRO D 193 2.16 -53.84 -18.15
N GLU D 194 2.06 -53.63 -16.82
CA GLU D 194 1.24 -54.38 -15.84
C GLU D 194 -0.24 -53.91 -15.85
N ASP D 195 -0.59 -52.99 -16.74
CA ASP D 195 -1.93 -52.43 -16.98
C ASP D 195 -2.95 -53.54 -17.19
N THR D 196 -4.02 -53.48 -16.41
CA THR D 196 -5.12 -54.45 -16.48
C THR D 196 -6.16 -53.98 -17.49
N PHE D 197 -6.27 -54.70 -18.60
CA PHE D 197 -7.28 -54.45 -19.62
C PHE D 197 -8.36 -55.52 -19.45
N PHE D 198 -9.51 -55.11 -18.95
CA PHE D 198 -10.59 -56.05 -18.66
C PHE D 198 -10.99 -56.81 -19.93
N PRO D 199 -11.17 -58.13 -19.85
CA PRO D 199 -11.50 -58.93 -21.03
C PRO D 199 -12.95 -58.76 -21.46
N SER D 200 -13.21 -59.19 -22.69
CA SER D 200 -14.55 -59.12 -23.28
C SER D 200 -14.92 -60.45 -23.94
N GLY E 1 -16.47 -10.66 3.32
CA GLY E 1 -15.47 -10.46 2.28
C GLY E 1 -15.90 -9.45 1.22
N VAL E 2 -15.05 -9.26 0.22
CA VAL E 2 -15.37 -8.39 -0.91
C VAL E 2 -16.48 -9.02 -1.74
N ALA E 3 -17.48 -8.22 -2.10
CA ALA E 3 -18.56 -8.67 -2.97
C ALA E 3 -18.42 -8.08 -4.37
N GLN E 4 -18.77 -8.89 -5.37
CA GLN E 4 -18.75 -8.47 -6.77
C GLN E 4 -20.00 -8.98 -7.49
N SER E 5 -20.46 -8.20 -8.45
CA SER E 5 -21.60 -8.60 -9.25
C SER E 5 -21.45 -7.98 -10.63
N PRO E 6 -21.83 -8.69 -11.70
CA PRO E 6 -22.24 -10.09 -11.68
C PRO E 6 -21.02 -11.03 -11.71
N ARG E 7 -21.25 -12.34 -11.68
CA ARG E 7 -20.15 -13.30 -11.68
C ARG E 7 -19.65 -13.64 -13.08
N TYR E 8 -20.56 -13.72 -14.04
CA TYR E 8 -20.25 -14.00 -15.43
C TYR E 8 -21.01 -13.02 -16.31
N LYS E 9 -20.45 -12.75 -17.49
CA LYS E 9 -21.10 -11.81 -18.39
C LYS E 9 -20.70 -12.06 -19.83
N ILE E 10 -21.70 -12.23 -20.69
CA ILE E 10 -21.51 -12.24 -22.13
C ILE E 10 -22.11 -10.98 -22.73
N ILE E 11 -21.32 -10.27 -23.54
CA ILE E 11 -21.82 -9.16 -24.34
C ILE E 11 -21.15 -9.21 -25.70
N GLU E 12 -21.80 -8.56 -26.67
CA GLU E 12 -21.24 -8.39 -28.00
C GLU E 12 -20.26 -7.23 -27.99
N LYS E 13 -19.30 -7.26 -28.91
CA LYS E 13 -18.35 -6.15 -28.95
C LYS E 13 -19.05 -4.89 -29.43
N ARG E 14 -18.44 -3.74 -29.11
CA ARG E 14 -18.98 -2.39 -29.28
C ARG E 14 -20.16 -2.12 -28.34
N GLN E 15 -20.51 -3.06 -27.48
CA GLN E 15 -21.54 -2.86 -26.46
C GLN E 15 -20.91 -2.29 -25.19
N SER E 16 -21.73 -2.03 -24.19
CA SER E 16 -21.29 -1.53 -22.90
C SER E 16 -21.56 -2.56 -21.81
N VAL E 17 -20.97 -2.33 -20.65
CA VAL E 17 -21.09 -3.25 -19.52
C VAL E 17 -20.66 -2.54 -18.25
N ALA E 18 -21.24 -2.93 -17.11
CA ALA E 18 -20.95 -2.30 -15.84
C ALA E 18 -20.74 -3.36 -14.78
N PHE E 19 -19.64 -3.27 -14.05
CA PHE E 19 -19.34 -4.16 -12.94
C PHE E 19 -19.48 -3.40 -11.62
N TRP E 20 -19.85 -4.12 -10.57
CA TRP E 20 -20.11 -3.51 -9.28
C TRP E 20 -19.29 -4.21 -8.19
N CYS E 21 -18.84 -3.44 -7.21
CA CYS E 21 -17.93 -3.94 -6.19
C CYS E 21 -18.25 -3.32 -4.84
N ASN E 22 -18.50 -4.15 -3.84
CA ASN E 22 -18.69 -3.67 -2.47
C ASN E 22 -17.51 -4.04 -1.60
N PRO E 23 -16.75 -3.08 -1.06
CA PRO E 23 -15.55 -3.43 -0.30
C PRO E 23 -15.91 -3.98 1.06
N ILE E 24 -14.90 -4.52 1.75
CA ILE E 24 -15.06 -4.91 3.14
C ILE E 24 -15.34 -3.69 3.99
N SER E 25 -16.31 -3.82 4.90
CA SER E 25 -16.82 -2.66 5.62
C SER E 25 -15.69 -1.86 6.26
N GLY E 26 -15.60 -0.59 5.89
CA GLY E 26 -14.64 0.34 6.48
C GLY E 26 -13.29 0.41 5.82
N HIS E 27 -13.12 -0.16 4.63
CA HIS E 27 -11.83 -0.17 3.96
C HIS E 27 -11.73 1.08 3.10
N ALA E 28 -10.66 1.85 3.30
CA ALA E 28 -10.54 3.14 2.63
C ALA E 28 -9.89 3.04 1.26
N THR E 29 -9.15 1.96 0.98
CA THR E 29 -8.52 1.76 -0.31
C THR E 29 -9.33 0.73 -1.09
N LEU E 30 -9.64 1.02 -2.35
CA LEU E 30 -10.34 0.11 -3.24
C LEU E 30 -9.59 0.04 -4.55
N TYR E 31 -9.53 -1.16 -5.14
CA TYR E 31 -8.76 -1.37 -6.36
C TYR E 31 -9.63 -2.07 -7.39
N TRP E 32 -9.46 -1.72 -8.66
CA TRP E 32 -9.94 -2.51 -9.80
C TRP E 32 -8.73 -3.09 -10.54
N TYR E 33 -8.71 -4.40 -10.69
CA TYR E 33 -7.66 -5.09 -11.42
C TYR E 33 -8.25 -5.82 -12.62
N GLN E 34 -7.49 -5.87 -13.70
CA GLN E 34 -7.82 -6.68 -14.85
C GLN E 34 -6.84 -7.85 -14.94
N GLN E 35 -7.35 -9.07 -15.09
CA GLN E 35 -6.50 -10.25 -15.17
C GLN E 35 -6.82 -11.00 -16.46
N ILE E 36 -5.97 -10.81 -17.45
CA ILE E 36 -6.13 -11.54 -18.70
C ILE E 36 -5.59 -12.96 -18.50
N LEU E 37 -6.14 -13.90 -19.27
CA LEU E 37 -5.71 -15.29 -19.23
C LEU E 37 -4.22 -15.44 -19.41
N GLY E 38 -3.59 -16.26 -18.56
CA GLY E 38 -2.15 -16.48 -18.62
C GLY E 38 -1.29 -15.39 -18.03
N GLN E 39 -1.89 -14.38 -17.40
CA GLN E 39 -1.17 -13.23 -16.82
C GLN E 39 -1.58 -13.00 -15.38
N GLY E 40 -0.78 -12.22 -14.68
CA GLY E 40 -1.16 -11.75 -13.36
C GLY E 40 -2.16 -10.62 -13.44
N PRO E 41 -2.78 -10.31 -12.31
CA PRO E 41 -3.67 -9.14 -12.25
C PRO E 41 -2.90 -7.87 -12.58
N LYS E 42 -3.54 -6.97 -13.34
CA LYS E 42 -2.94 -5.71 -13.73
C LYS E 42 -3.85 -4.57 -13.28
N LEU E 43 -3.31 -3.65 -12.48
CA LEU E 43 -4.13 -2.63 -11.82
C LEU E 43 -4.73 -1.68 -12.83
N LEU E 44 -6.04 -1.45 -12.71
CA LEU E 44 -6.76 -0.48 -13.53
C LEU E 44 -6.88 0.89 -12.87
N ILE E 45 -7.39 0.93 -11.64
CA ILE E 45 -7.59 2.19 -10.93
C ILE E 45 -7.59 1.89 -9.43
N GLN E 46 -6.97 2.78 -8.66
CA GLN E 46 -6.91 2.67 -7.22
C GLN E 46 -7.56 3.90 -6.60
N PHE E 47 -8.46 3.68 -5.65
CA PHE E 47 -9.20 4.72 -4.96
C PHE E 47 -8.76 4.75 -3.50
N GLN E 48 -8.58 5.94 -2.96
CA GLN E 48 -8.48 6.15 -1.54
C GLN E 48 -9.63 7.08 -1.14
N ASN E 49 -10.42 6.68 -0.14
CA ASN E 49 -11.72 7.32 0.16
C ASN E 49 -12.48 7.39 -1.15
N ASN E 50 -13.03 8.55 -1.54
CA ASN E 50 -13.74 8.69 -2.80
C ASN E 50 -12.87 9.27 -3.92
N GLY E 51 -11.61 9.58 -3.65
CA GLY E 51 -10.74 10.16 -4.64
C GLY E 51 -9.94 9.10 -5.39
N VAL E 52 -9.57 9.43 -6.63
CA VAL E 52 -8.70 8.58 -7.44
C VAL E 52 -7.25 8.79 -7.02
N VAL E 53 -6.53 7.70 -6.78
CA VAL E 53 -5.10 7.78 -6.50
C VAL E 53 -4.26 7.49 -7.73
N ASP E 54 -4.61 6.47 -8.49
CA ASP E 54 -3.81 6.06 -9.64
C ASP E 54 -4.72 5.72 -10.81
N ASP E 55 -4.74 6.61 -11.80
CA ASP E 55 -5.51 6.51 -13.03
C ASP E 55 -4.68 5.99 -14.19
N SER E 56 -3.38 5.77 -13.98
CA SER E 56 -2.43 5.78 -15.09
C SER E 56 -2.71 4.65 -16.08
N GLN E 57 -2.67 3.41 -15.58
CA GLN E 57 -2.83 2.24 -16.48
C GLN E 57 -4.29 1.89 -16.68
N LEU E 58 -5.09 2.90 -16.91
CA LEU E 58 -6.53 2.74 -17.17
C LEU E 58 -6.79 3.34 -18.55
N PRO E 59 -7.33 2.59 -19.52
CA PRO E 59 -7.68 3.18 -20.79
C PRO E 59 -8.82 4.18 -20.57
N LYS E 60 -8.54 5.47 -20.59
CA LYS E 60 -9.60 6.48 -20.33
C LYS E 60 -10.55 6.57 -21.52
N ASP E 61 -10.11 6.15 -22.69
CA ASP E 61 -10.92 6.21 -23.90
C ASP E 61 -12.15 5.31 -23.82
N ARG E 62 -12.10 4.27 -23.00
CA ARG E 62 -13.20 3.31 -22.90
C ARG E 62 -13.51 2.87 -21.48
N PHE E 63 -12.56 2.93 -20.55
CA PHE E 63 -12.78 2.49 -19.18
C PHE E 63 -13.04 3.69 -18.31
N SER E 64 -13.93 3.52 -17.34
CA SER E 64 -14.29 4.59 -16.42
C SER E 64 -14.73 3.98 -15.09
N ALA E 65 -14.36 4.61 -13.98
CA ALA E 65 -14.69 4.07 -12.67
C ALA E 65 -15.10 5.20 -11.74
N GLU E 66 -15.86 4.83 -10.73
CA GLU E 66 -16.46 5.79 -9.80
C GLU E 66 -16.59 5.17 -8.43
N ARG E 67 -16.32 5.97 -7.40
CA ARG E 67 -16.51 5.58 -6.02
C ARG E 67 -16.99 6.82 -5.24
N LEU E 68 -18.20 7.28 -5.56
CA LEU E 68 -18.63 8.63 -5.19
C LEU E 68 -18.67 8.84 -3.66
N LYS E 69 -19.03 7.81 -2.90
CA LYS E 69 -19.12 7.90 -1.44
C LYS E 69 -18.03 7.11 -0.72
N GLY E 70 -16.96 6.70 -1.42
CA GLY E 70 -15.86 6.00 -0.76
C GLY E 70 -16.26 4.68 -0.15
N VAL E 71 -17.31 4.05 -0.67
CA VAL E 71 -17.74 2.72 -0.25
C VAL E 71 -17.67 1.84 -1.48
N ASP E 72 -18.83 1.55 -2.10
CA ASP E 72 -18.88 0.71 -3.28
C ASP E 72 -18.50 1.49 -4.52
N SER E 73 -18.08 0.76 -5.55
CA SER E 73 -17.51 1.33 -6.76
C SER E 73 -18.08 0.63 -7.99
N THR E 74 -18.17 1.37 -9.09
CA THR E 74 -18.64 0.82 -10.35
C THR E 74 -17.62 1.08 -11.44
N LEU E 75 -17.28 0.04 -12.20
CA LEU E 75 -16.41 0.13 -13.37
C LEU E 75 -17.25 -0.09 -14.63
N LYS E 76 -16.96 0.69 -15.67
CA LYS E 76 -17.73 0.65 -16.90
C LYS E 76 -16.81 0.56 -18.11
N ILE E 77 -17.21 -0.25 -19.09
CA ILE E 77 -16.54 -0.36 -20.38
C ILE E 77 -17.53 0.07 -21.45
N GLN E 78 -17.26 1.21 -22.10
CA GLN E 78 -18.08 1.73 -23.19
C GLN E 78 -17.20 2.40 -24.24
N PRO E 79 -17.03 1.79 -25.42
CA PRO E 79 -17.54 0.47 -25.79
C PRO E 79 -16.52 -0.66 -25.57
N ALA E 80 -17.00 -1.90 -25.49
CA ALA E 80 -16.13 -3.05 -25.26
C ALA E 80 -15.46 -3.51 -26.54
N LYS E 81 -14.21 -3.97 -26.40
CA LYS E 81 -13.46 -4.63 -27.46
C LYS E 81 -13.25 -6.09 -27.09
N LEU E 82 -12.94 -6.90 -28.11
CA LEU E 82 -12.62 -8.31 -27.87
C LEU E 82 -11.49 -8.48 -26.86
N GLU E 83 -10.44 -7.67 -26.96
CA GLU E 83 -9.33 -7.76 -26.02
C GLU E 83 -9.73 -7.50 -24.58
N ASP E 84 -10.96 -7.04 -24.32
CA ASP E 84 -11.41 -6.80 -22.96
C ASP E 84 -11.87 -8.06 -22.24
N SER E 85 -11.93 -9.20 -22.92
CA SER E 85 -12.32 -10.45 -22.27
C SER E 85 -11.30 -10.81 -21.20
N ALA E 86 -11.73 -10.85 -19.95
CA ALA E 86 -10.81 -11.02 -18.84
C ALA E 86 -11.63 -11.21 -17.57
N VAL E 87 -10.92 -11.48 -16.47
CA VAL E 87 -11.50 -11.49 -15.15
C VAL E 87 -11.26 -10.12 -14.52
N TYR E 88 -12.32 -9.46 -14.08
CA TYR E 88 -12.20 -8.15 -13.46
C TYR E 88 -12.37 -8.29 -11.96
N LEU E 89 -11.31 -8.01 -11.22
CA LEU E 89 -11.25 -8.23 -9.79
C LEU E 89 -11.17 -6.89 -9.08
N CYS E 90 -12.07 -6.68 -8.14
CA CYS E 90 -11.92 -5.57 -7.25
C CYS E 90 -11.41 -6.09 -5.90
N ALA E 91 -10.81 -5.19 -5.14
CA ALA E 91 -10.14 -5.58 -3.91
C ALA E 91 -10.11 -4.36 -3.02
N SER E 92 -9.81 -4.60 -1.74
CA SER E 92 -9.82 -3.47 -0.82
C SER E 92 -8.81 -3.73 0.29
N SER E 93 -8.34 -2.63 0.89
CA SER E 93 -7.45 -2.62 2.03
C SER E 93 -7.99 -1.68 3.11
N LEU E 94 -7.67 -2.00 4.37
CA LEU E 94 -8.00 -1.11 5.48
C LEU E 94 -7.67 0.34 5.11
N GLY E 95 -6.44 0.57 4.64
CA GLY E 95 -6.11 1.78 3.93
C GLY E 95 -5.03 2.61 4.57
N GLY E 96 -4.55 2.26 5.76
CA GLY E 96 -3.44 2.96 6.38
C GLY E 96 -2.21 3.16 5.49
N ALA E 97 -2.01 2.29 4.47
CA ALA E 97 -0.84 2.48 3.60
C ALA E 97 -1.12 2.13 2.15
N GLY E 98 -2.35 2.34 1.67
CA GLY E 98 -2.67 1.97 0.30
C GLY E 98 -2.23 0.54 -0.02
N GLY E 99 -1.70 0.34 -1.23
CA GLY E 99 -1.31 -1.00 -1.69
C GLY E 99 -0.18 -1.66 -0.91
N ALA E 100 0.52 -0.92 -0.05
CA ALA E 100 1.54 -1.49 0.83
C ALA E 100 0.91 -2.10 2.09
N ASP E 101 0.08 -3.12 1.84
CA ASP E 101 -0.84 -3.66 2.82
C ASP E 101 -1.42 -4.94 2.23
N THR E 102 -2.04 -5.77 3.08
CA THR E 102 -2.79 -6.91 2.57
C THR E 102 -3.93 -6.42 1.69
N GLN E 103 -4.07 -7.01 0.52
CA GLN E 103 -5.22 -6.70 -0.34
C GLN E 103 -6.18 -7.88 -0.34
N TYR E 104 -7.46 -7.61 -0.04
CA TYR E 104 -8.49 -8.63 0.01
C TYR E 104 -9.31 -8.59 -1.28
N PHE E 105 -9.39 -9.73 -1.99
CA PHE E 105 -9.97 -9.77 -3.33
C PHE E 105 -11.38 -10.33 -3.32
N GLY E 106 -12.21 -9.80 -4.22
CA GLY E 106 -13.50 -10.38 -4.49
C GLY E 106 -13.38 -11.62 -5.33
N PRO E 107 -14.53 -12.20 -5.69
CA PRO E 107 -14.52 -13.43 -6.49
C PRO E 107 -14.22 -13.16 -7.96
N GLY E 108 -14.45 -11.93 -8.43
CA GLY E 108 -14.19 -11.56 -9.80
C GLY E 108 -15.45 -11.55 -10.63
N THR E 109 -15.31 -11.00 -11.83
CA THR E 109 -16.37 -10.95 -12.82
C THR E 109 -15.76 -11.42 -14.12
N ARG E 110 -16.09 -12.65 -14.54
CA ARG E 110 -15.58 -13.19 -15.79
C ARG E 110 -16.40 -12.58 -16.93
N LEU E 111 -15.77 -11.69 -17.68
CA LEU E 111 -16.38 -11.06 -18.85
C LEU E 111 -15.90 -11.74 -20.12
N THR E 112 -16.84 -12.01 -21.02
CA THR E 112 -16.55 -12.66 -22.30
C THR E 112 -17.19 -11.82 -23.41
N VAL E 113 -16.36 -11.19 -24.22
CA VAL E 113 -16.83 -10.35 -25.33
C VAL E 113 -16.68 -11.14 -26.62
N LEU E 114 -17.75 -11.20 -27.40
CA LEU E 114 -17.83 -12.04 -28.59
C LEU E 114 -18.16 -11.19 -29.82
N GLU E 115 -17.78 -11.72 -30.99
CA GLU E 115 -18.15 -11.09 -32.25
C GLU E 115 -19.66 -11.11 -32.48
N ASP E 116 -20.35 -12.13 -31.96
CA ASP E 116 -21.81 -12.21 -32.04
C ASP E 116 -22.29 -13.29 -31.08
N LEU E 117 -23.57 -13.22 -30.74
CA LEU E 117 -24.13 -14.14 -29.78
C LEU E 117 -24.46 -15.51 -30.36
N LYS E 118 -24.51 -15.64 -31.68
CA LYS E 118 -25.04 -16.86 -32.27
C LYS E 118 -24.17 -18.08 -32.03
N ASN E 119 -22.99 -17.90 -31.43
CA ASN E 119 -22.07 -18.99 -31.13
C ASN E 119 -22.31 -19.60 -29.76
N VAL E 120 -23.20 -19.01 -28.96
CA VAL E 120 -23.33 -19.40 -27.57
C VAL E 120 -24.16 -20.67 -27.48
N PHE E 121 -23.67 -21.67 -26.73
CA PHE E 121 -24.38 -22.96 -26.61
C PHE E 121 -24.34 -23.41 -25.15
N PRO E 122 -25.46 -23.85 -24.59
CA PRO E 122 -25.42 -24.53 -23.29
C PRO E 122 -24.83 -25.92 -23.46
N PRO E 123 -24.49 -26.61 -22.37
CA PRO E 123 -23.96 -27.97 -22.48
C PRO E 123 -25.06 -29.01 -22.60
N GLU E 124 -24.68 -30.17 -23.11
CA GLU E 124 -25.43 -31.40 -22.89
C GLU E 124 -24.69 -32.18 -21.82
N VAL E 125 -25.43 -32.83 -20.94
CA VAL E 125 -24.83 -33.52 -19.80
C VAL E 125 -25.20 -35.00 -19.87
N ALA E 126 -24.23 -35.87 -19.63
CA ALA E 126 -24.48 -37.31 -19.64
C ALA E 126 -23.63 -37.97 -18.58
N VAL E 127 -24.26 -38.83 -17.77
CA VAL E 127 -23.59 -39.65 -16.77
C VAL E 127 -23.34 -41.02 -17.35
N PHE E 128 -22.17 -41.59 -17.04
CA PHE E 128 -21.80 -42.92 -17.46
C PHE E 128 -21.60 -43.79 -16.23
N GLU E 129 -22.29 -44.94 -16.21
CA GLU E 129 -22.33 -45.82 -15.05
C GLU E 129 -21.01 -46.58 -14.89
N PRO E 130 -20.68 -47.00 -13.66
CA PRO E 130 -19.44 -47.73 -13.43
C PRO E 130 -19.45 -49.10 -14.09
N SER E 131 -18.27 -49.52 -14.55
CA SER E 131 -18.14 -50.81 -15.21
C SER E 131 -18.10 -51.95 -14.19
N GLU E 132 -18.68 -53.08 -14.58
CA GLU E 132 -18.62 -54.26 -13.71
C GLU E 132 -17.18 -54.71 -13.48
N ALA E 133 -16.33 -54.54 -14.50
CA ALA E 133 -14.95 -54.98 -14.35
C ALA E 133 -14.27 -54.25 -13.20
N GLU E 134 -14.43 -52.91 -13.16
CA GLU E 134 -13.82 -52.15 -12.09
C GLU E 134 -14.37 -52.56 -10.73
N ILE E 135 -15.69 -52.74 -10.64
CA ILE E 135 -16.29 -53.30 -9.42
C ILE E 135 -15.55 -54.57 -9.02
N SER E 136 -15.53 -55.56 -9.92
CA SER E 136 -14.89 -56.84 -9.59
C SER E 136 -13.46 -56.63 -9.13
N HIS E 137 -12.71 -55.82 -9.89
CA HIS E 137 -11.28 -55.66 -9.65
C HIS E 137 -11.02 -54.92 -8.33
N THR E 138 -11.69 -53.80 -8.11
CA THR E 138 -11.32 -52.91 -7.01
C THR E 138 -12.35 -52.85 -5.89
N GLN E 139 -13.57 -53.32 -6.10
CA GLN E 139 -14.69 -53.07 -5.19
C GLN E 139 -14.94 -51.57 -4.97
N LYS E 140 -14.62 -50.77 -6.00
CA LYS E 140 -14.96 -49.36 -6.09
C LYS E 140 -15.62 -49.12 -7.44
N ALA E 141 -16.43 -48.07 -7.50
CA ALA E 141 -17.27 -47.78 -8.66
C ALA E 141 -17.11 -46.32 -9.04
N THR E 142 -16.64 -46.07 -10.26
CA THR E 142 -16.37 -44.71 -10.68
C THR E 142 -17.38 -44.28 -11.74
N LEU E 143 -18.16 -43.25 -11.41
CA LEU E 143 -19.07 -42.62 -12.36
C LEU E 143 -18.37 -41.48 -13.07
N VAL E 144 -18.73 -41.28 -14.33
CA VAL E 144 -18.14 -40.24 -15.16
C VAL E 144 -19.26 -39.38 -15.72
N CYS E 145 -19.06 -38.07 -15.67
CA CYS E 145 -20.01 -37.09 -16.21
C CYS E 145 -19.34 -36.27 -17.30
N LEU E 146 -19.99 -36.19 -18.46
CA LEU E 146 -19.52 -35.36 -19.56
C LEU E 146 -20.51 -34.22 -19.79
N ALA E 147 -19.99 -32.99 -19.80
CA ALA E 147 -20.71 -31.80 -20.24
C ALA E 147 -20.12 -31.40 -21.58
N THR E 148 -20.89 -31.46 -22.65
CA THR E 148 -20.31 -31.30 -23.97
C THR E 148 -21.01 -30.23 -24.78
N GLY E 149 -20.24 -29.59 -25.65
CA GLY E 149 -20.77 -28.68 -26.65
C GLY E 149 -21.17 -27.31 -26.14
N PHE E 150 -20.56 -26.83 -25.06
CA PHE E 150 -20.94 -25.52 -24.51
C PHE E 150 -19.94 -24.45 -24.90
N TYR E 151 -20.46 -23.26 -25.21
CA TYR E 151 -19.61 -22.16 -25.57
C TYR E 151 -20.31 -20.89 -25.10
N PRO E 152 -19.61 -19.99 -24.41
CA PRO E 152 -18.19 -20.10 -24.04
C PRO E 152 -17.96 -20.93 -22.78
N ASP E 153 -16.73 -20.90 -22.25
CA ASP E 153 -16.32 -21.69 -21.09
C ASP E 153 -16.80 -21.00 -19.81
N HIS E 154 -18.06 -21.23 -19.49
CA HIS E 154 -18.71 -20.59 -18.37
C HIS E 154 -19.55 -21.66 -17.66
N VAL E 155 -18.89 -22.63 -17.00
CA VAL E 155 -19.63 -23.69 -16.31
C VAL E 155 -19.01 -23.99 -14.95
N GLU E 156 -19.89 -24.32 -13.99
CA GLU E 156 -19.54 -24.91 -12.70
C GLU E 156 -20.23 -26.27 -12.59
N LEU E 157 -19.43 -27.34 -12.47
CA LEU E 157 -19.95 -28.69 -12.35
C LEU E 157 -19.93 -29.17 -10.90
N SER E 158 -21.03 -29.76 -10.46
CA SER E 158 -21.10 -30.36 -9.12
C SER E 158 -21.79 -31.71 -9.19
N TRP E 159 -21.48 -32.57 -8.20
CA TRP E 159 -22.09 -33.89 -8.04
C TRP E 159 -23.02 -33.89 -6.84
N TRP E 160 -24.18 -34.54 -6.99
CA TRP E 160 -25.23 -34.54 -5.98
C TRP E 160 -25.69 -35.97 -5.74
N VAL E 161 -25.53 -36.44 -4.51
CA VAL E 161 -25.82 -37.83 -4.17
C VAL E 161 -26.91 -37.84 -3.10
N ASN E 162 -28.05 -38.47 -3.42
CA ASN E 162 -29.21 -38.49 -2.54
C ASN E 162 -29.61 -37.06 -2.14
N GLY E 163 -29.51 -36.16 -3.11
CA GLY E 163 -29.91 -34.79 -2.88
C GLY E 163 -28.96 -33.95 -2.04
N LYS E 164 -27.72 -34.39 -1.83
CA LYS E 164 -26.69 -33.54 -1.25
C LYS E 164 -25.51 -33.42 -2.20
N GLU E 165 -24.88 -32.26 -2.17
CA GLU E 165 -23.62 -32.07 -2.87
C GLU E 165 -22.54 -32.88 -2.16
N VAL E 166 -21.73 -33.59 -2.92
CA VAL E 166 -20.62 -34.33 -2.34
C VAL E 166 -19.31 -33.81 -2.92
N HIS E 167 -18.28 -33.81 -2.09
CA HIS E 167 -16.95 -33.40 -2.49
C HIS E 167 -15.94 -34.52 -2.36
N SER E 168 -16.03 -35.34 -1.31
CA SER E 168 -15.18 -36.52 -1.24
C SER E 168 -15.46 -37.46 -2.41
N GLY E 169 -14.40 -37.92 -3.06
CA GLY E 169 -14.50 -38.86 -4.15
C GLY E 169 -14.61 -38.22 -5.52
N VAL E 170 -14.49 -36.89 -5.61
CA VAL E 170 -14.77 -36.12 -6.83
C VAL E 170 -13.47 -35.60 -7.42
N CYS E 171 -13.47 -35.45 -8.75
CA CYS E 171 -12.32 -35.00 -9.52
C CYS E 171 -12.88 -34.28 -10.72
N THR E 172 -12.72 -32.98 -10.83
CA THR E 172 -13.19 -32.27 -12.01
C THR E 172 -12.02 -31.64 -12.76
N ASP E 173 -12.01 -31.82 -14.08
CA ASP E 173 -10.98 -31.20 -14.90
C ASP E 173 -10.91 -29.70 -14.56
N PRO E 174 -9.74 -29.18 -14.19
CA PRO E 174 -9.65 -27.74 -13.91
C PRO E 174 -9.98 -26.88 -15.11
N GLN E 175 -9.68 -27.36 -16.31
CA GLN E 175 -9.94 -26.65 -17.56
C GLN E 175 -10.79 -27.53 -18.48
N PRO E 176 -11.46 -26.93 -19.44
CA PRO E 176 -12.11 -27.74 -20.47
C PRO E 176 -11.27 -27.78 -21.74
N LEU E 177 -11.39 -28.84 -22.52
CA LEU E 177 -10.70 -28.94 -23.79
C LEU E 177 -11.57 -28.39 -24.91
N LYS E 178 -10.95 -28.20 -26.08
CA LYS E 178 -11.66 -27.79 -27.28
C LYS E 178 -12.16 -28.99 -28.05
N GLU E 179 -13.44 -28.96 -28.44
CA GLU E 179 -14.04 -30.10 -29.14
C GLU E 179 -13.55 -30.20 -30.57
N GLN E 180 -13.16 -29.09 -31.19
CA GLN E 180 -12.40 -29.13 -32.44
C GLN E 180 -11.31 -28.06 -32.32
N PRO E 181 -10.06 -28.50 -32.05
CA PRO E 181 -9.03 -27.53 -31.64
C PRO E 181 -8.61 -26.55 -32.74
N ALA E 182 -8.98 -26.80 -33.99
CA ALA E 182 -8.63 -25.87 -35.06
C ALA E 182 -9.35 -24.54 -34.89
N LEU E 183 -10.66 -24.60 -34.62
CA LEU E 183 -11.50 -23.43 -34.70
C LEU E 183 -11.13 -22.39 -33.64
N ASN E 184 -11.44 -21.14 -33.96
CA ASN E 184 -11.51 -20.01 -33.06
C ASN E 184 -12.73 -20.09 -32.15
N ASP E 185 -13.90 -20.37 -32.75
CA ASP E 185 -15.17 -20.48 -32.05
C ASP E 185 -15.48 -21.90 -31.61
N SER E 186 -14.45 -22.67 -31.21
CA SER E 186 -14.64 -24.08 -30.95
C SER E 186 -15.44 -24.30 -29.67
N ARG E 187 -16.38 -25.26 -29.73
CA ARG E 187 -17.15 -25.62 -28.55
C ARG E 187 -16.26 -26.37 -27.54
N TYR E 188 -16.73 -26.42 -26.31
CA TYR E 188 -15.97 -27.01 -25.21
C TYR E 188 -16.65 -28.26 -24.69
N ALA E 189 -15.87 -29.05 -23.94
CA ALA E 189 -16.35 -30.22 -23.23
C ALA E 189 -15.54 -30.36 -21.96
N LEU E 190 -16.08 -31.11 -21.01
CA LEU E 190 -15.52 -31.16 -19.68
C LEU E 190 -15.95 -32.48 -19.04
N SER E 191 -15.07 -33.05 -18.22
CA SER E 191 -15.39 -34.32 -17.58
C SER E 191 -15.17 -34.19 -16.09
N SER E 192 -15.85 -35.03 -15.33
CA SER E 192 -15.65 -35.10 -13.90
C SER E 192 -15.96 -36.52 -13.46
N ARG E 193 -15.36 -36.92 -12.35
CA ARG E 193 -15.47 -38.28 -11.83
C ARG E 193 -15.96 -38.25 -10.40
N LEU E 194 -16.86 -39.17 -10.08
CA LEU E 194 -17.27 -39.46 -8.72
C LEU E 194 -17.01 -40.94 -8.50
N ARG E 195 -16.21 -41.26 -7.47
CA ARG E 195 -15.82 -42.63 -7.16
C ARG E 195 -16.40 -43.01 -5.80
N VAL E 196 -17.17 -44.10 -5.76
CA VAL E 196 -17.75 -44.58 -4.52
C VAL E 196 -17.47 -46.07 -4.37
N SER E 197 -17.56 -46.55 -3.13
CA SER E 197 -17.53 -47.98 -2.81
C SER E 197 -18.47 -48.77 -3.72
N ALA E 198 -18.11 -50.02 -4.00
CA ALA E 198 -18.97 -50.87 -4.80
C ALA E 198 -20.30 -51.14 -4.11
N THR E 199 -20.28 -51.24 -2.77
CA THR E 199 -21.53 -51.46 -2.04
C THR E 199 -22.48 -50.28 -2.20
N PHE E 200 -21.95 -49.04 -2.20
CA PHE E 200 -22.79 -47.86 -2.39
C PHE E 200 -23.42 -47.86 -3.78
N TRP E 201 -22.64 -48.18 -4.81
CA TRP E 201 -23.19 -48.26 -6.17
C TRP E 201 -24.17 -49.43 -6.33
N GLN E 202 -24.05 -50.49 -5.52
CA GLN E 202 -24.91 -51.64 -5.73
C GLN E 202 -26.28 -51.50 -5.09
N ASN E 203 -26.53 -50.39 -4.40
CA ASN E 203 -27.75 -50.17 -3.63
C ASN E 203 -28.75 -49.41 -4.49
N PRO E 204 -29.83 -50.05 -4.97
CA PRO E 204 -30.69 -49.41 -5.97
C PRO E 204 -31.49 -48.23 -5.45
N ARG E 205 -31.45 -47.93 -4.15
CA ARG E 205 -32.08 -46.73 -3.61
C ARG E 205 -31.17 -45.51 -3.66
N ASN E 206 -29.90 -45.65 -4.06
CA ASN E 206 -28.98 -44.53 -4.07
C ASN E 206 -29.03 -43.81 -5.41
N HIS E 207 -29.16 -42.49 -5.35
CA HIS E 207 -29.43 -41.65 -6.51
C HIS E 207 -28.27 -40.68 -6.72
N PHE E 208 -27.68 -40.71 -7.91
CA PHE E 208 -26.58 -39.82 -8.23
C PHE E 208 -27.00 -38.87 -9.33
N ARG E 209 -26.55 -37.62 -9.24
CA ARG E 209 -26.83 -36.62 -10.26
C ARG E 209 -25.61 -35.74 -10.48
N CYS E 210 -25.36 -35.46 -11.75
CA CYS E 210 -24.31 -34.57 -12.19
C CYS E 210 -24.96 -33.26 -12.63
N GLN E 211 -24.46 -32.14 -12.12
CA GLN E 211 -25.14 -30.87 -12.33
C GLN E 211 -24.18 -29.82 -12.90
N VAL E 212 -24.53 -29.27 -14.05
CA VAL E 212 -23.69 -28.26 -14.72
C VAL E 212 -24.47 -26.96 -14.84
N GLN E 213 -24.01 -25.93 -14.13
CA GLN E 213 -24.57 -24.59 -14.26
C GLN E 213 -23.89 -23.91 -15.45
N PHE E 214 -24.67 -23.51 -16.43
CA PHE E 214 -24.15 -22.78 -17.57
C PHE E 214 -24.42 -21.29 -17.39
N TYR E 215 -23.47 -20.45 -17.78
CA TYR E 215 -23.68 -19.01 -17.75
C TYR E 215 -23.66 -18.50 -19.17
N GLY E 216 -24.85 -18.19 -19.71
CA GLY E 216 -24.97 -17.63 -21.03
C GLY E 216 -25.60 -16.24 -21.07
N LEU E 217 -26.65 -16.09 -21.86
CA LEU E 217 -27.22 -14.78 -22.13
C LEU E 217 -28.16 -14.36 -21.00
N SER E 218 -28.42 -13.07 -20.93
CA SER E 218 -29.44 -12.55 -20.04
C SER E 218 -30.78 -12.47 -20.77
N GLU E 219 -31.85 -12.29 -19.99
CA GLU E 219 -33.16 -12.15 -20.60
C GLU E 219 -33.22 -11.01 -21.62
N ASN E 220 -32.29 -10.05 -21.55
CA ASN E 220 -32.33 -8.87 -22.41
C ASN E 220 -31.62 -9.03 -23.74
N ASP E 221 -30.70 -9.99 -23.85
CA ASP E 221 -29.95 -10.14 -25.10
C ASP E 221 -30.92 -10.50 -26.22
N GLU E 222 -30.77 -9.81 -27.36
CA GLU E 222 -31.60 -10.07 -28.52
C GLU E 222 -31.37 -11.48 -29.02
N TRP E 223 -32.46 -12.21 -29.29
CA TRP E 223 -32.33 -13.56 -29.84
C TRP E 223 -33.25 -13.75 -31.03
N THR E 224 -32.69 -14.28 -32.12
CA THR E 224 -33.35 -14.30 -33.42
C THR E 224 -33.62 -15.69 -33.97
N GLN E 225 -32.85 -16.71 -33.61
CA GLN E 225 -32.80 -17.94 -34.37
C GLN E 225 -33.77 -19.00 -33.85
N ASP E 226 -33.82 -20.11 -34.58
CA ASP E 226 -34.85 -21.15 -34.38
C ASP E 226 -34.61 -21.98 -33.13
N ARG E 227 -33.35 -22.23 -32.78
CA ARG E 227 -33.06 -22.87 -31.51
C ARG E 227 -33.37 -21.93 -30.35
N ALA E 228 -33.45 -22.51 -29.15
CA ALA E 228 -33.78 -21.73 -27.96
C ALA E 228 -32.64 -20.79 -27.58
N LYS E 229 -33.00 -19.64 -27.03
CA LYS E 229 -32.00 -18.68 -26.58
C LYS E 229 -31.15 -19.29 -25.47
N PRO E 230 -29.81 -19.28 -25.59
CA PRO E 230 -28.97 -20.01 -24.62
C PRO E 230 -28.67 -19.19 -23.37
N VAL E 231 -29.68 -19.08 -22.51
CA VAL E 231 -29.59 -18.30 -21.28
C VAL E 231 -28.89 -19.13 -20.20
N THR E 232 -28.44 -18.45 -19.16
CA THR E 232 -28.02 -19.10 -17.93
C THR E 232 -29.01 -20.19 -17.56
N GLN E 233 -28.51 -21.37 -17.23
CA GLN E 233 -29.38 -22.50 -16.94
C GLN E 233 -28.59 -23.64 -16.34
N ILE E 234 -29.29 -24.46 -15.57
CA ILE E 234 -28.73 -25.65 -14.96
C ILE E 234 -29.18 -26.85 -15.79
N VAL E 235 -28.22 -27.67 -16.24
CA VAL E 235 -28.48 -28.94 -16.91
C VAL E 235 -27.93 -30.05 -16.03
N SER E 236 -28.76 -31.08 -15.78
CA SER E 236 -28.42 -32.19 -14.91
C SER E 236 -28.53 -33.51 -15.65
N ALA E 237 -27.90 -34.54 -15.08
CA ALA E 237 -28.10 -35.91 -15.52
C ALA E 237 -27.92 -36.81 -14.31
N GLU E 238 -28.75 -37.84 -14.21
CA GLU E 238 -28.79 -38.68 -13.04
C GLU E 238 -28.57 -40.14 -13.42
N ALA E 239 -28.33 -40.94 -12.39
CA ALA E 239 -28.23 -42.39 -12.49
C ALA E 239 -28.62 -42.97 -11.15
N TRP E 240 -29.17 -44.18 -11.17
CA TRP E 240 -29.47 -44.91 -9.95
C TRP E 240 -28.52 -46.09 -9.82
N GLY E 241 -28.16 -46.40 -8.57
CA GLY E 241 -27.44 -47.63 -8.31
C GLY E 241 -28.25 -48.83 -8.73
N ARG E 242 -27.55 -49.92 -9.03
CA ARG E 242 -28.19 -51.14 -9.51
C ARG E 242 -27.39 -52.35 -9.06
N ALA E 243 -28.11 -53.37 -8.62
CA ALA E 243 -27.51 -54.64 -8.22
C ALA E 243 -27.29 -55.52 -9.44
#